data_6Y9A
#
_entry.id   6Y9A
#
_cell.length_a   1.00
_cell.length_b   1.00
_cell.length_c   1.00
_cell.angle_alpha   90.00
_cell.angle_beta   90.00
_cell.angle_gamma   90.00
#
_symmetry.space_group_name_H-M   'P 1'
#
loop_
_entity.id
_entity.type
_entity.pdbx_description
1 polymer 'B-lymphocyte antigen CD20'
2 polymer 'Obinutuzumab Fab heavy chain'
3 polymer 'Obinutuzumab Fab Light chain'
#
loop_
_entity_poly.entity_id
_entity_poly.type
_entity_poly.pdbx_seq_one_letter_code
_entity_poly.pdbx_strand_id
1 'polypeptide(L)'
;FMRESKTLGAVQIMNGLFHIALGGLLMIPAGIYAPICVTVWYPLWGGIMYIISGSLLAATEKNSRKCLVKGKMIMNSLSL
FAAISGMILSIMDILNIKISHFLKMESLNFIRAHTPYINIYNCEPANPSEKNSPSTQYCYSIQSLFLGILSVMLIFAFFQ
ELVIAGIVE
;
A,B
2 'polypeptide(L)'
;VQLVQSGAEVKKPGSSVKVSCKASGYAFSYSWINWVRQAPGQGLEWMGRIFPGDGDTDYNGKFKGRVTITADKSTSTAYM
ELSSLRSEDTAVYYCARNVFDGYWLVYWGQGTLVTVSSASTKGPSVFPLAPSSKSTSGGTAALGCLVKDYFPEPVTVSWN
SGALTSGVHTFPAVLQSSGLYSLSSVVTVPSSSLGTQTYICNVNHKPSNTKVDKKVEPK
;
H
3 'polypeptide(L)'
;DIVMTQTPLSLPVTPGEPASISCRSSKSLLHSNGITYLYWYLQKPGQSPQLLIYQMSNLVSGVPDRFSGSGSGTDFTLKI
SRVEAEDVGVYYCAQNLELPYTFGGGTKVEIKRTVAAPSVFIFPPSDEQLKSGTASVVCLLNNFYPREAKVQWKVDNALQ
SGNSQESVTEQDSKDSTYSLSSTLTLSKADYEKHKVYACEVTHQGLSSPVTKSFNRGEC
;
L
#
# COMPACT_ATOMS: atom_id res chain seq x y z
N PHE A 1 -0.73 -59.01 -15.44
CA PHE A 1 -0.77 -60.44 -15.18
C PHE A 1 0.64 -61.00 -15.05
N MET A 2 0.76 -62.20 -14.47
CA MET A 2 2.07 -62.81 -14.28
C MET A 2 2.74 -63.14 -15.61
N ARG A 3 1.95 -63.39 -16.65
CA ARG A 3 2.51 -63.78 -17.94
C ARG A 3 3.37 -62.68 -18.54
N GLU A 4 3.07 -61.41 -18.22
CA GLU A 4 3.82 -60.27 -18.71
C GLU A 4 4.65 -59.63 -17.60
N SER A 5 5.23 -60.45 -16.71
CA SER A 5 6.07 -59.93 -15.64
C SER A 5 7.33 -59.28 -16.17
N LYS A 6 7.70 -59.55 -17.42
CA LYS A 6 8.81 -58.86 -18.06
C LYS A 6 8.58 -57.36 -18.13
N THR A 7 7.40 -56.95 -18.63
CA THR A 7 7.05 -55.54 -18.82
C THR A 7 6.50 -54.87 -17.56
N LEU A 8 6.72 -55.40 -16.36
CA LEU A 8 6.52 -54.63 -15.15
C LEU A 8 7.82 -54.15 -14.52
N GLY A 9 8.97 -54.56 -15.04
CA GLY A 9 10.21 -54.04 -14.51
C GLY A 9 10.56 -52.72 -15.15
N ALA A 10 10.28 -52.58 -16.45
CA ALA A 10 10.47 -51.28 -17.08
C ALA A 10 9.58 -50.26 -16.40
N VAL A 11 8.35 -50.69 -16.04
CA VAL A 11 7.41 -49.83 -15.35
C VAL A 11 7.96 -49.44 -13.98
N GLN A 12 8.47 -50.42 -13.22
CA GLN A 12 8.99 -50.11 -11.89
C GLN A 12 10.19 -49.17 -11.99
N ILE A 13 11.03 -49.34 -13.01
CA ILE A 13 12.21 -48.48 -13.16
C ILE A 13 11.79 -47.06 -13.48
N MET A 14 10.87 -46.90 -14.43
CA MET A 14 10.38 -45.56 -14.77
C MET A 14 9.69 -44.93 -13.57
N ASN A 15 8.99 -45.72 -12.77
CA ASN A 15 8.34 -45.19 -11.59
C ASN A 15 9.37 -44.68 -10.60
N GLY A 16 10.46 -45.42 -10.44
CA GLY A 16 11.54 -44.95 -9.57
C GLY A 16 12.15 -43.66 -10.08
N LEU A 17 12.33 -43.55 -11.40
CA LEU A 17 12.84 -42.30 -11.96
C LEU A 17 11.87 -41.15 -11.72
N PHE A 18 10.56 -41.42 -11.80
CA PHE A 18 9.58 -40.37 -11.56
C PHE A 18 9.56 -39.96 -10.10
N HIS A 19 9.81 -40.91 -9.19
CA HIS A 19 9.94 -40.55 -7.78
C HIS A 19 11.18 -39.69 -7.55
N ILE A 20 12.28 -40.04 -8.22
CA ILE A 20 13.48 -39.21 -8.20
C ILE A 20 13.17 -37.81 -8.69
N ALA A 21 12.39 -37.70 -9.77
CA ALA A 21 12.08 -36.38 -10.33
C ALA A 21 11.26 -35.56 -9.36
N LEU A 22 10.24 -36.16 -8.74
CA LEU A 22 9.42 -35.41 -7.79
C LEU A 22 10.23 -35.03 -6.55
N GLY A 23 11.15 -35.89 -6.11
CA GLY A 23 12.02 -35.51 -5.01
C GLY A 23 12.91 -34.34 -5.36
N GLY A 24 13.50 -34.37 -6.56
CA GLY A 24 14.29 -33.24 -7.03
C GLY A 24 13.47 -31.97 -7.12
N LEU A 25 12.20 -32.09 -7.51
CA LEU A 25 11.36 -30.91 -7.60
C LEU A 25 10.97 -30.40 -6.22
N LEU A 26 10.90 -31.28 -5.21
CA LEU A 26 10.60 -30.85 -3.85
C LEU A 26 11.78 -30.24 -3.12
N MET A 27 13.03 -30.56 -3.50
CA MET A 27 14.16 -30.02 -2.76
C MET A 27 14.31 -28.51 -2.89
N ILE A 28 13.57 -27.89 -3.81
CA ILE A 28 13.66 -26.43 -3.99
C ILE A 28 13.40 -25.74 -2.65
N PRO A 29 14.28 -24.87 -2.17
CA PRO A 29 14.05 -24.23 -0.87
C PRO A 29 13.15 -23.01 -0.92
N ALA A 30 11.84 -23.24 -0.83
CA ALA A 30 10.84 -22.18 -0.88
C ALA A 30 10.19 -22.10 0.51
N GLY A 31 10.79 -21.29 1.37
CA GLY A 31 10.28 -21.03 2.71
C GLY A 31 10.98 -21.87 3.76
N ILE A 32 10.69 -21.52 5.02
CA ILE A 32 11.29 -22.22 6.15
C ILE A 32 10.47 -23.44 6.55
N TYR A 33 9.14 -23.30 6.65
CA TYR A 33 8.27 -24.43 6.94
C TYR A 33 8.04 -25.19 5.64
N ALA A 34 8.92 -26.13 5.35
CA ALA A 34 8.83 -26.92 4.14
C ALA A 34 7.84 -28.07 4.31
N PRO A 35 7.26 -28.54 3.21
CA PRO A 35 6.36 -29.69 3.27
C PRO A 35 6.99 -30.88 4.01
N ILE A 36 6.13 -31.77 4.48
CA ILE A 36 6.62 -32.95 5.17
C ILE A 36 7.09 -34.04 4.21
N CYS A 37 6.63 -34.03 2.96
CA CYS A 37 7.09 -34.99 1.97
C CYS A 37 8.46 -34.67 1.37
N VAL A 38 9.21 -33.71 1.95
CA VAL A 38 10.51 -33.35 1.41
C VAL A 38 11.57 -33.43 2.51
N THR A 39 11.30 -32.79 3.65
CA THR A 39 12.24 -32.82 4.77
C THR A 39 12.50 -34.23 5.26
N VAL A 40 11.57 -35.17 5.03
CA VAL A 40 11.84 -36.56 5.34
C VAL A 40 12.61 -37.28 4.24
N TRP A 41 12.79 -36.63 3.09
CA TRP A 41 13.55 -37.18 1.96
C TRP A 41 13.01 -38.53 1.53
N TYR A 42 11.69 -38.70 1.63
CA TYR A 42 11.05 -39.94 1.18
C TYR A 42 11.30 -40.23 -0.30
N PRO A 43 10.92 -39.35 -1.24
CA PRO A 43 10.94 -39.76 -2.65
C PRO A 43 12.29 -40.27 -3.13
N LEU A 44 13.39 -39.71 -2.64
CA LEU A 44 14.72 -40.13 -3.08
C LEU A 44 14.97 -41.60 -2.80
N TRP A 45 14.93 -41.99 -1.52
CA TRP A 45 15.23 -43.38 -1.19
C TRP A 45 14.12 -44.32 -1.64
N GLY A 46 12.89 -43.82 -1.73
CA GLY A 46 11.83 -44.65 -2.25
C GLY A 46 12.04 -45.00 -3.72
N GLY A 47 12.36 -43.98 -4.53
CA GLY A 47 12.73 -44.23 -5.91
C GLY A 47 13.94 -45.13 -6.07
N ILE A 48 14.97 -44.93 -5.24
CA ILE A 48 16.17 -45.75 -5.40
C ILE A 48 15.89 -47.20 -5.00
N MET A 49 15.00 -47.42 -4.03
CA MET A 49 14.68 -48.77 -3.63
C MET A 49 13.82 -49.44 -4.70
N TYR A 50 12.90 -48.67 -5.29
CA TYR A 50 12.14 -49.16 -6.43
C TYR A 50 13.08 -49.53 -7.58
N ILE A 51 14.11 -48.71 -7.80
CA ILE A 51 15.02 -48.95 -8.91
C ILE A 51 15.82 -50.23 -8.70
N ILE A 52 16.30 -50.47 -7.48
CA ILE A 52 16.99 -51.73 -7.23
C ILE A 52 16.03 -52.90 -7.41
N SER A 53 14.87 -52.87 -6.73
CA SER A 53 13.93 -53.99 -6.78
C SER A 53 13.33 -54.18 -8.16
N GLY A 54 13.47 -53.21 -9.06
CA GLY A 54 13.02 -53.35 -10.43
C GLY A 54 14.10 -53.88 -11.34
N SER A 55 15.26 -53.23 -11.32
CA SER A 55 16.42 -53.70 -12.07
C SER A 55 16.76 -55.15 -11.76
N LEU A 56 16.49 -55.61 -10.53
CA LEU A 56 16.83 -56.99 -10.22
C LEU A 56 15.84 -57.98 -10.84
N LEU A 57 14.56 -57.61 -10.91
CA LEU A 57 13.59 -58.40 -11.67
C LEU A 57 13.80 -58.28 -13.17
N ALA A 58 14.44 -57.20 -13.62
CA ALA A 58 14.44 -56.85 -15.04
C ALA A 58 15.10 -57.92 -15.90
N ALA A 59 16.32 -58.31 -15.56
CA ALA A 59 17.16 -59.06 -16.49
C ALA A 59 17.36 -60.52 -16.13
N THR A 60 16.63 -61.04 -15.15
CA THR A 60 16.71 -62.46 -14.81
C THR A 60 15.40 -63.18 -15.09
N GLU A 61 14.31 -62.76 -14.45
CA GLU A 61 12.95 -63.26 -14.66
C GLU A 61 12.83 -64.77 -14.79
N LYS A 62 13.75 -65.52 -14.19
CA LYS A 62 13.79 -66.98 -14.36
C LYS A 62 13.76 -67.64 -13.00
N ASN A 63 13.87 -68.98 -13.01
CA ASN A 63 13.77 -69.78 -11.79
C ASN A 63 15.17 -70.16 -11.30
N SER A 64 15.71 -69.34 -10.42
CA SER A 64 16.96 -69.64 -9.72
C SER A 64 16.65 -70.17 -8.32
N ARG A 65 17.71 -70.66 -7.66
CA ARG A 65 17.51 -71.37 -6.41
C ARG A 65 16.94 -70.53 -5.26
N LYS A 66 17.69 -69.58 -4.71
CA LYS A 66 17.19 -68.93 -3.49
C LYS A 66 17.17 -67.41 -3.47
N CYS A 67 18.33 -66.78 -3.75
CA CYS A 67 18.44 -65.32 -3.73
C CYS A 67 17.33 -64.65 -4.54
N LEU A 68 17.04 -65.16 -5.74
CA LEU A 68 16.10 -64.52 -6.64
C LEU A 68 14.75 -64.31 -5.96
N VAL A 69 14.09 -65.40 -5.57
CA VAL A 69 12.72 -65.30 -5.08
C VAL A 69 12.70 -64.81 -3.63
N LYS A 70 13.76 -65.04 -2.86
CA LYS A 70 13.78 -64.55 -1.49
C LYS A 70 13.89 -63.03 -1.47
N GLY A 71 14.85 -62.49 -2.23
CA GLY A 71 14.88 -61.07 -2.47
C GLY A 71 13.59 -60.53 -3.06
N LYS A 72 13.02 -61.23 -4.04
CA LYS A 72 11.78 -60.74 -4.65
C LYS A 72 10.66 -60.60 -3.64
N MET A 73 10.57 -61.51 -2.67
CA MET A 73 9.47 -61.36 -1.72
C MET A 73 9.77 -60.30 -0.67
N ILE A 74 11.02 -60.23 -0.17
CA ILE A 74 11.31 -59.17 0.80
C ILE A 74 11.20 -57.80 0.14
N MET A 75 11.58 -57.69 -1.13
CA MET A 75 11.44 -56.42 -1.84
C MET A 75 9.98 -56.07 -2.07
N ASN A 76 9.13 -57.06 -2.39
CA ASN A 76 7.72 -56.75 -2.56
C ASN A 76 7.07 -56.32 -1.25
N SER A 77 7.47 -56.92 -0.14
CA SER A 77 6.95 -56.47 1.15
C SER A 77 7.44 -55.05 1.47
N LEU A 78 8.72 -54.79 1.20
CA LEU A 78 9.27 -53.45 1.36
C LEU A 78 8.50 -52.44 0.50
N SER A 79 8.18 -52.82 -0.73
CA SER A 79 7.50 -51.92 -1.65
C SER A 79 6.08 -51.63 -1.18
N LEU A 80 5.38 -52.65 -0.66
CA LEU A 80 4.04 -52.43 -0.15
C LEU A 80 4.07 -51.52 1.08
N PHE A 81 5.06 -51.72 1.96
CA PHE A 81 5.22 -50.81 3.10
C PHE A 81 5.50 -49.38 2.63
N ALA A 82 6.39 -49.24 1.63
CA ALA A 82 6.68 -47.92 1.06
C ALA A 82 5.44 -47.29 0.46
N ALA A 83 4.59 -48.11 -0.18
CA ALA A 83 3.39 -47.59 -0.81
C ALA A 83 2.40 -47.08 0.22
N ILE A 84 2.19 -47.86 1.29
CA ILE A 84 1.26 -47.39 2.32
C ILE A 84 1.84 -46.19 3.05
N SER A 85 3.17 -46.11 3.18
CA SER A 85 3.80 -44.93 3.77
C SER A 85 3.58 -43.70 2.90
N GLY A 86 3.76 -43.84 1.59
CA GLY A 86 3.51 -42.73 0.70
C GLY A 86 2.05 -42.31 0.70
N MET A 87 1.14 -43.28 0.76
CA MET A 87 -0.28 -42.99 0.88
C MET A 87 -0.55 -42.12 2.11
N ILE A 88 -0.10 -42.59 3.28
CA ILE A 88 -0.35 -41.85 4.52
C ILE A 88 0.31 -40.47 4.45
N LEU A 89 1.49 -40.39 3.85
CA LEU A 89 2.23 -39.13 3.79
C LEU A 89 1.48 -38.12 2.92
N SER A 90 1.01 -38.57 1.75
CA SER A 90 0.27 -37.69 0.86
C SER A 90 -1.05 -37.26 1.50
N ILE A 91 -1.75 -38.18 2.16
CA ILE A 91 -3.04 -37.82 2.76
C ILE A 91 -2.85 -36.89 3.95
N MET A 92 -1.66 -36.88 4.57
CA MET A 92 -1.40 -35.88 5.61
C MET A 92 -0.95 -34.56 5.00
N ASP A 93 -0.21 -34.59 3.90
CA ASP A 93 0.32 -33.36 3.34
C ASP A 93 -0.74 -32.56 2.59
N ILE A 94 -1.71 -33.24 1.96
CA ILE A 94 -2.81 -32.51 1.34
C ILE A 94 -3.54 -31.69 2.40
N LEU A 95 -3.79 -32.31 3.56
CA LEU A 95 -4.38 -31.58 4.67
C LEU A 95 -3.45 -30.46 5.16
N ASN A 96 -2.13 -30.72 5.19
CA ASN A 96 -1.20 -29.68 5.63
C ASN A 96 -1.25 -28.44 4.73
N ILE A 97 -1.50 -28.59 3.44
CA ILE A 97 -1.50 -27.43 2.56
C ILE A 97 -2.90 -26.82 2.42
N LYS A 98 -3.96 -27.61 2.57
CA LYS A 98 -5.31 -27.10 2.34
C LYS A 98 -6.04 -26.78 3.63
N ILE A 99 -5.53 -27.24 4.78
CA ILE A 99 -6.11 -26.99 6.08
C ILE A 99 -4.97 -26.59 7.01
N SER A 100 -5.29 -25.82 8.05
CA SER A 100 -4.29 -25.29 8.96
C SER A 100 -3.34 -26.38 9.45
N HIS A 101 -2.05 -26.12 9.30
CA HIS A 101 -1.03 -27.10 9.67
C HIS A 101 -0.95 -27.24 11.19
N PHE A 102 -0.50 -28.41 11.64
CA PHE A 102 -0.35 -28.71 13.06
C PHE A 102 1.04 -29.17 13.43
N LEU A 103 1.80 -29.72 12.49
CA LEU A 103 3.15 -30.21 12.72
C LEU A 103 4.13 -29.29 12.01
N LYS A 104 5.00 -28.64 12.79
CA LYS A 104 5.95 -27.70 12.21
C LYS A 104 6.91 -28.39 11.25
N MET A 105 7.46 -29.54 11.65
CA MET A 105 8.38 -30.33 10.83
C MET A 105 9.54 -29.46 10.34
N GLU A 106 10.36 -29.06 11.31
CA GLU A 106 11.51 -28.19 11.06
C GLU A 106 12.43 -28.80 9.99
N SER A 107 13.16 -27.91 9.30
CA SER A 107 13.90 -28.25 8.10
C SER A 107 15.40 -28.09 8.32
N LEU A 108 16.17 -28.32 7.25
CA LEU A 108 17.63 -28.34 7.31
C LEU A 108 18.22 -26.94 7.11
N ASN A 109 19.44 -26.76 7.62
CA ASN A 109 20.08 -25.44 7.66
C ASN A 109 20.39 -24.92 6.25
N PHE A 110 21.07 -25.72 5.44
CA PHE A 110 21.55 -25.29 4.12
C PHE A 110 20.42 -24.82 3.21
N ILE A 111 19.17 -25.17 3.50
CA ILE A 111 18.04 -24.69 2.74
C ILE A 111 17.23 -23.63 3.48
N ARG A 112 17.36 -23.53 4.81
CA ARG A 112 16.68 -22.45 5.52
C ARG A 112 17.37 -21.11 5.30
N ALA A 113 18.71 -21.10 5.30
CA ALA A 113 19.44 -19.84 5.23
C ALA A 113 19.23 -19.11 3.92
N HIS A 114 18.65 -19.77 2.92
CA HIS A 114 18.37 -19.10 1.66
C HIS A 114 17.05 -18.33 1.72
N THR A 115 15.98 -19.00 2.16
CA THR A 115 14.65 -18.38 2.27
C THR A 115 14.08 -18.64 3.66
N PRO A 116 14.57 -17.91 4.67
CA PRO A 116 14.05 -18.09 6.04
C PRO A 116 12.96 -17.10 6.48
N TYR A 117 12.49 -16.22 5.60
CA TYR A 117 11.62 -15.13 6.03
C TYR A 117 10.14 -15.34 5.71
N ILE A 118 9.80 -16.23 4.78
CA ILE A 118 8.44 -16.28 4.25
C ILE A 118 7.67 -17.44 4.88
N ASN A 119 6.36 -17.27 4.96
CA ASN A 119 5.44 -18.32 5.35
C ASN A 119 4.54 -18.65 4.16
N ILE A 120 4.11 -19.91 4.07
CA ILE A 120 3.33 -20.36 2.92
C ILE A 120 2.02 -20.98 3.39
N TYR A 121 2.01 -21.53 4.60
CA TYR A 121 0.82 -22.24 5.07
C TYR A 121 -0.35 -21.28 5.27
N ASN A 122 -0.11 -20.14 5.91
CA ASN A 122 -1.12 -19.09 6.05
C ASN A 122 -0.46 -17.74 5.78
N CYS A 123 -0.38 -17.37 4.50
CA CYS A 123 0.14 -16.07 4.10
C CYS A 123 -1.02 -15.17 3.67
N GLU A 124 -1.73 -14.67 4.67
CA GLU A 124 -2.78 -13.68 4.47
C GLU A 124 -2.39 -12.37 5.13
N PRO A 125 -2.23 -11.29 4.37
CA PRO A 125 -1.77 -10.03 4.98
C PRO A 125 -2.73 -9.53 6.05
N ALA A 126 -2.16 -8.93 7.08
CA ALA A 126 -2.97 -8.42 8.19
C ALA A 126 -3.78 -7.20 7.75
N ASN A 127 -3.12 -6.22 7.15
CA ASN A 127 -3.82 -5.04 6.67
C ASN A 127 -4.67 -5.33 5.43
N PRO A 128 -5.95 -4.99 5.44
CA PRO A 128 -6.81 -5.28 4.28
C PRO A 128 -6.40 -4.54 3.02
N SER A 129 -5.50 -3.56 3.10
CA SER A 129 -5.07 -2.83 1.91
C SER A 129 -4.35 -3.74 0.92
N GLU A 130 -3.66 -4.77 1.42
CA GLU A 130 -2.91 -5.68 0.58
C GLU A 130 -3.74 -6.87 0.09
N LYS A 131 -5.06 -6.72 0.00
CA LYS A 131 -5.88 -7.80 -0.54
C LYS A 131 -5.56 -8.06 -2.00
N ASN A 132 -5.36 -7.00 -2.78
CA ASN A 132 -4.92 -7.12 -4.17
C ASN A 132 -3.41 -6.85 -4.26
N SER A 133 -2.64 -7.63 -3.51
CA SER A 133 -1.21 -7.48 -3.43
C SER A 133 -0.51 -8.64 -4.13
N PRO A 134 0.73 -8.45 -4.59
CA PRO A 134 1.45 -9.57 -5.20
C PRO A 134 1.60 -10.76 -4.28
N SER A 135 1.80 -10.54 -2.98
CA SER A 135 2.05 -11.63 -2.05
C SER A 135 0.88 -12.60 -1.88
N THR A 136 -0.31 -12.22 -2.31
CA THR A 136 -1.39 -13.20 -2.26
C THR A 136 -1.74 -13.77 -3.62
N GLN A 137 -1.60 -13.01 -4.70
CA GLN A 137 -1.75 -13.67 -5.99
C GLN A 137 -0.69 -14.75 -6.05
N TYR A 138 0.51 -14.42 -5.57
CA TYR A 138 1.64 -15.34 -5.49
C TYR A 138 1.30 -16.52 -4.60
N CYS A 139 0.68 -16.25 -3.43
CA CYS A 139 0.39 -17.35 -2.52
C CYS A 139 -0.67 -18.28 -3.11
N TYR A 140 -1.66 -17.72 -3.81
CA TYR A 140 -2.68 -18.56 -4.43
C TYR A 140 -2.07 -19.42 -5.54
N SER A 141 -1.12 -18.83 -6.28
CA SER A 141 -0.40 -19.61 -7.29
C SER A 141 0.38 -20.74 -6.64
N ILE A 142 1.12 -20.44 -5.57
CA ILE A 142 1.96 -21.47 -4.96
C ILE A 142 1.11 -22.56 -4.30
N GLN A 143 -0.08 -22.20 -3.79
CA GLN A 143 -0.97 -23.21 -3.23
C GLN A 143 -1.50 -24.10 -4.34
N SER A 144 -1.88 -23.50 -5.47
CA SER A 144 -2.29 -24.30 -6.63
C SER A 144 -1.14 -25.20 -7.06
N LEU A 145 0.10 -24.73 -6.93
CA LEU A 145 1.25 -25.53 -7.35
C LEU A 145 1.41 -26.76 -6.47
N PHE A 146 1.33 -26.59 -5.14
CA PHE A 146 1.40 -27.80 -4.31
C PHE A 146 0.21 -28.70 -4.55
N LEU A 147 -0.97 -28.12 -4.78
CA LEU A 147 -2.13 -28.97 -5.11
C LEU A 147 -1.87 -29.79 -6.36
N GLY A 148 -1.33 -29.19 -7.42
CA GLY A 148 -1.05 -29.97 -8.62
C GLY A 148 0.01 -31.04 -8.42
N ILE A 149 1.13 -30.68 -7.79
CA ILE A 149 2.17 -31.67 -7.51
C ILE A 149 1.61 -32.83 -6.69
N LEU A 150 0.91 -32.52 -5.60
CA LEU A 150 0.40 -33.59 -4.74
C LEU A 150 -0.68 -34.40 -5.42
N SER A 151 -1.51 -33.79 -6.27
CA SER A 151 -2.51 -34.58 -6.98
C SER A 151 -1.88 -35.53 -8.00
N VAL A 152 -0.85 -35.09 -8.72
CA VAL A 152 -0.17 -36.01 -9.64
C VAL A 152 0.51 -37.13 -8.85
N MET A 153 1.18 -36.78 -7.75
CA MET A 153 1.82 -37.79 -6.91
C MET A 153 0.80 -38.76 -6.32
N LEU A 154 -0.38 -38.27 -5.95
CA LEU A 154 -1.46 -39.12 -5.48
C LEU A 154 -1.88 -40.11 -6.57
N ILE A 155 -2.13 -39.59 -7.77
CA ILE A 155 -2.57 -40.44 -8.88
C ILE A 155 -1.54 -41.53 -9.14
N PHE A 156 -0.26 -41.16 -9.14
CA PHE A 156 0.77 -42.14 -9.46
C PHE A 156 0.98 -43.13 -8.33
N ALA A 157 0.83 -42.69 -7.06
CA ALA A 157 0.88 -43.65 -5.96
C ALA A 157 -0.26 -44.67 -6.08
N PHE A 158 -1.46 -44.23 -6.46
CA PHE A 158 -2.52 -45.22 -6.66
C PHE A 158 -2.21 -46.15 -7.82
N PHE A 159 -1.68 -45.62 -8.93
CA PHE A 159 -1.33 -46.52 -10.03
C PHE A 159 -0.28 -47.56 -9.63
N GLN A 160 0.76 -47.15 -8.90
CA GLN A 160 1.75 -48.13 -8.46
C GLN A 160 1.14 -49.17 -7.53
N GLU A 161 0.37 -48.72 -6.53
CA GLU A 161 -0.26 -49.67 -5.61
C GLU A 161 -1.23 -50.59 -6.34
N LEU A 162 -1.87 -50.10 -7.41
CA LEU A 162 -2.79 -50.92 -8.18
C LEU A 162 -2.04 -52.02 -8.92
N VAL A 163 -0.93 -51.67 -9.56
CA VAL A 163 -0.30 -52.69 -10.37
C VAL A 163 0.52 -53.64 -9.50
N ILE A 164 1.05 -53.14 -8.37
CA ILE A 164 1.65 -54.04 -7.39
C ILE A 164 0.61 -55.04 -6.89
N ALA A 165 -0.56 -54.56 -6.48
CA ALA A 165 -1.60 -55.45 -5.99
C ALA A 165 -2.04 -56.41 -7.09
N GLY A 166 -1.90 -56.01 -8.35
CA GLY A 166 -2.23 -56.87 -9.45
C GLY A 166 -1.12 -57.83 -9.86
N ILE A 167 0.05 -57.70 -9.25
CA ILE A 167 1.18 -58.57 -9.61
C ILE A 167 1.78 -59.25 -8.38
N VAL A 168 1.10 -59.12 -7.23
CA VAL A 168 1.60 -59.79 -6.02
C VAL A 168 1.28 -61.28 -5.99
N GLU A 169 0.42 -61.76 -6.88
CA GLU A 169 0.02 -63.16 -6.87
C GLU A 169 1.16 -64.07 -7.30
N PHE B 1 16.96 -53.34 -28.81
CA PHE B 1 16.91 -53.75 -30.21
C PHE B 1 15.62 -54.52 -30.49
N MET B 2 15.57 -55.18 -31.64
CA MET B 2 14.38 -55.97 -31.99
C MET B 2 14.20 -57.15 -31.04
N ARG B 3 15.30 -57.70 -30.54
CA ARG B 3 15.26 -58.88 -29.67
C ARG B 3 14.28 -58.69 -28.51
N GLU B 4 14.07 -57.45 -28.07
CA GLU B 4 13.13 -57.11 -27.02
C GLU B 4 12.34 -55.87 -27.38
N SER B 5 11.94 -55.77 -28.65
CA SER B 5 11.12 -54.64 -29.11
C SER B 5 9.68 -54.75 -28.64
N LYS B 6 9.22 -55.96 -28.27
CA LYS B 6 7.88 -56.18 -27.76
C LYS B 6 7.64 -55.52 -26.41
N THR B 7 8.69 -55.08 -25.71
CA THR B 7 8.51 -54.37 -24.45
C THR B 7 8.92 -52.89 -24.54
N LEU B 8 8.89 -52.30 -25.73
CA LEU B 8 9.07 -50.86 -25.86
C LEU B 8 7.78 -50.08 -25.91
N GLY B 9 6.66 -50.70 -26.32
CA GLY B 9 5.39 -49.97 -26.34
C GLY B 9 4.99 -49.45 -24.97
N ALA B 10 5.34 -50.20 -23.92
CA ALA B 10 5.08 -49.74 -22.56
C ALA B 10 5.87 -48.47 -22.26
N VAL B 11 7.11 -48.40 -22.75
CA VAL B 11 7.92 -47.20 -22.57
C VAL B 11 7.28 -46.03 -23.29
N GLN B 12 6.77 -46.25 -24.50
CA GLN B 12 6.08 -45.19 -25.23
C GLN B 12 4.85 -44.71 -24.48
N ILE B 13 4.08 -45.64 -23.90
CA ILE B 13 2.87 -45.27 -23.20
C ILE B 13 3.20 -44.44 -21.96
N MET B 14 4.16 -44.91 -21.16
CA MET B 14 4.54 -44.17 -19.97
C MET B 14 5.11 -42.80 -20.32
N ASN B 15 5.87 -42.70 -21.42
CA ASN B 15 6.45 -41.41 -21.78
C ASN B 15 5.37 -40.45 -22.22
N GLY B 16 4.35 -40.95 -22.93
CA GLY B 16 3.22 -40.11 -23.25
C GLY B 16 2.52 -39.64 -21.99
N LEU B 17 2.40 -40.53 -21.00
CA LEU B 17 1.79 -40.12 -19.73
C LEU B 17 2.63 -39.06 -19.03
N PHE B 18 3.97 -39.16 -19.11
CA PHE B 18 4.80 -38.13 -18.50
C PHE B 18 4.61 -36.79 -19.20
N HIS B 19 4.51 -36.81 -20.53
CA HIS B 19 4.22 -35.57 -21.25
C HIS B 19 2.89 -34.98 -20.82
N ILE B 20 1.87 -35.83 -20.67
CA ILE B 20 0.56 -35.36 -20.22
C ILE B 20 0.66 -34.74 -18.84
N ALA B 21 1.40 -35.40 -17.93
CA ALA B 21 1.53 -34.88 -16.57
C ALA B 21 2.24 -33.53 -16.55
N LEU B 22 3.30 -33.40 -17.33
CA LEU B 22 4.02 -32.12 -17.35
C LEU B 22 3.17 -31.02 -17.98
N GLY B 23 2.39 -31.35 -19.01
CA GLY B 23 1.46 -30.38 -19.55
C GLY B 23 0.44 -29.94 -18.52
N GLY B 24 -0.15 -30.89 -17.80
CA GLY B 24 -1.10 -30.54 -16.75
C GLY B 24 -0.48 -29.67 -15.68
N LEU B 25 0.79 -29.93 -15.35
CA LEU B 25 1.47 -29.10 -14.36
C LEU B 25 1.75 -27.69 -14.90
N LEU B 26 2.00 -27.57 -16.21
CA LEU B 26 2.19 -26.25 -16.80
C LEU B 26 0.88 -25.49 -16.96
N MET B 27 -0.27 -26.16 -16.87
CA MET B 27 -1.56 -25.50 -17.00
C MET B 27 -1.81 -24.49 -15.89
N ILE B 28 -1.10 -24.60 -14.77
CA ILE B 28 -1.37 -23.75 -13.61
C ILE B 28 -1.19 -22.29 -13.99
N PRO B 29 -2.11 -21.39 -13.60
CA PRO B 29 -2.02 -19.96 -13.97
C PRO B 29 -0.98 -19.19 -13.15
N ALA B 30 0.26 -19.26 -13.61
CA ALA B 30 1.40 -18.61 -12.94
C ALA B 30 1.82 -17.40 -13.77
N GLY B 31 1.26 -16.24 -13.44
CA GLY B 31 1.63 -15.00 -14.09
C GLY B 31 0.76 -14.65 -15.27
N ILE B 32 1.12 -13.54 -15.91
CA ILE B 32 0.35 -13.02 -17.05
C ILE B 32 0.79 -13.66 -18.35
N TYR B 33 2.09 -13.90 -18.54
CA TYR B 33 2.63 -14.42 -19.79
C TYR B 33 3.02 -15.87 -19.55
N ALA B 34 2.14 -16.79 -19.93
CA ALA B 34 2.44 -18.21 -19.78
C ALA B 34 3.54 -18.61 -20.77
N PRO B 35 4.36 -19.61 -20.43
CA PRO B 35 5.42 -20.05 -21.34
C PRO B 35 4.84 -20.62 -22.64
N ILE B 36 5.65 -20.59 -23.68
CA ILE B 36 5.24 -21.11 -24.98
C ILE B 36 4.95 -22.60 -24.93
N CYS B 37 5.49 -23.31 -23.95
CA CYS B 37 5.23 -24.75 -23.84
C CYS B 37 3.78 -25.06 -23.50
N VAL B 38 2.98 -24.06 -23.11
CA VAL B 38 1.61 -24.29 -22.73
C VAL B 38 0.62 -23.42 -23.52
N THR B 39 1.04 -22.27 -24.04
CA THR B 39 0.14 -21.44 -24.82
C THR B 39 -0.23 -22.10 -26.14
N VAL B 40 0.71 -22.84 -26.74
CA VAL B 40 0.42 -23.54 -28.00
C VAL B 40 -0.38 -24.81 -27.77
N TRP B 41 -0.60 -25.19 -26.51
CA TRP B 41 -1.32 -26.42 -26.15
C TRP B 41 -0.64 -27.65 -26.76
N TYR B 42 0.68 -27.60 -26.89
CA TYR B 42 1.44 -28.76 -27.36
C TYR B 42 1.25 -29.99 -26.48
N PRO B 43 1.55 -29.95 -25.17
CA PRO B 43 1.65 -31.20 -24.40
C PRO B 43 0.43 -32.10 -24.49
N LEU B 44 -0.78 -31.53 -24.58
CA LEU B 44 -1.99 -32.35 -24.66
C LEU B 44 -1.95 -33.24 -25.90
N TRP B 45 -1.92 -32.63 -27.08
CA TRP B 45 -1.93 -33.42 -28.31
C TRP B 45 -0.65 -34.21 -28.47
N GLY B 46 0.45 -33.74 -27.87
CA GLY B 46 1.66 -34.54 -27.86
C GLY B 46 1.49 -35.83 -27.11
N GLY B 47 0.99 -35.75 -25.87
CA GLY B 47 0.71 -36.96 -25.11
C GLY B 47 -0.29 -37.88 -25.78
N ILE B 48 -1.29 -37.30 -26.46
CA ILE B 48 -2.27 -38.17 -27.11
C ILE B 48 -1.63 -38.89 -28.29
N MET B 49 -0.78 -38.17 -29.04
CA MET B 49 -0.06 -38.78 -30.15
C MET B 49 0.90 -39.87 -29.67
N TYR B 50 1.56 -39.63 -28.54
CA TYR B 50 2.39 -40.66 -27.94
C TYR B 50 1.57 -41.89 -27.54
N ILE B 51 0.48 -41.68 -26.80
CA ILE B 51 -0.32 -42.81 -26.32
C ILE B 51 -0.86 -43.62 -27.49
N ILE B 52 -1.25 -42.94 -28.59
CA ILE B 52 -1.82 -43.68 -29.71
C ILE B 52 -0.74 -44.42 -30.50
N SER B 53 0.41 -43.77 -30.76
CA SER B 53 1.53 -44.48 -31.38
C SER B 53 2.09 -45.60 -30.50
N GLY B 54 1.77 -45.58 -29.21
CA GLY B 54 2.07 -46.67 -28.30
C GLY B 54 1.12 -47.85 -28.35
N SER B 55 -0.15 -47.61 -28.04
CA SER B 55 -1.15 -48.67 -27.94
C SER B 55 -1.41 -49.40 -29.25
N LEU B 56 -0.72 -49.01 -30.33
CA LEU B 56 -0.71 -49.80 -31.54
C LEU B 56 0.53 -50.68 -31.67
N LEU B 57 1.64 -50.28 -31.03
CA LEU B 57 2.86 -51.08 -31.12
C LEU B 57 2.70 -52.43 -30.44
N ALA B 58 2.05 -52.47 -29.29
CA ALA B 58 1.96 -53.68 -28.47
C ALA B 58 0.67 -54.44 -28.69
N ALA B 59 0.15 -54.43 -29.93
CA ALA B 59 -1.13 -55.08 -30.20
C ALA B 59 -0.96 -56.59 -30.33
N THR B 60 -0.19 -57.03 -31.33
CA THR B 60 -0.04 -58.46 -31.60
C THR B 60 1.43 -58.83 -31.75
N GLU B 61 2.25 -57.86 -32.16
CA GLU B 61 3.68 -58.06 -32.42
C GLU B 61 3.93 -59.02 -33.57
N LYS B 62 2.95 -59.17 -34.46
CA LYS B 62 3.06 -60.03 -35.63
C LYS B 62 2.88 -59.20 -36.89
N ASN B 63 2.94 -59.87 -38.04
CA ASN B 63 2.80 -59.23 -39.34
C ASN B 63 1.32 -59.24 -39.74
N SER B 64 0.63 -58.15 -39.41
CA SER B 64 -0.78 -58.04 -39.74
C SER B 64 -0.98 -57.95 -41.25
N ARG B 65 -2.24 -57.94 -41.68
CA ARG B 65 -2.55 -57.92 -43.10
C ARG B 65 -2.04 -56.68 -43.79
N LYS B 66 -2.63 -55.52 -43.49
CA LYS B 66 -2.12 -54.25 -44.01
C LYS B 66 -2.17 -53.09 -43.02
N CYS B 67 -3.02 -53.13 -41.99
CA CYS B 67 -3.29 -51.93 -41.21
C CYS B 67 -2.17 -51.56 -40.25
N LEU B 68 -1.49 -52.56 -39.68
CA LEU B 68 -0.58 -52.26 -38.58
C LEU B 68 0.71 -51.59 -39.05
N VAL B 69 1.28 -52.06 -40.16
CA VAL B 69 2.61 -51.58 -40.52
C VAL B 69 2.54 -50.28 -41.30
N LYS B 70 1.56 -50.15 -42.21
CA LYS B 70 1.38 -48.88 -42.90
C LYS B 70 1.11 -47.76 -41.91
N GLY B 71 0.34 -48.06 -40.86
CA GLY B 71 0.11 -47.05 -39.86
C GLY B 71 1.29 -46.91 -38.93
N LYS B 72 2.05 -47.98 -38.71
CA LYS B 72 3.26 -47.84 -37.91
C LYS B 72 4.25 -46.90 -38.58
N MET B 73 4.17 -46.80 -39.91
CA MET B 73 5.03 -45.86 -40.63
C MET B 73 4.44 -44.47 -40.59
N ILE B 74 3.17 -44.32 -40.94
CA ILE B 74 2.64 -42.97 -41.07
C ILE B 74 2.61 -42.32 -39.69
N MET B 75 2.16 -43.07 -38.67
CA MET B 75 2.09 -42.59 -37.31
C MET B 75 3.49 -42.35 -36.76
N ASN B 76 4.47 -43.17 -37.18
CA ASN B 76 5.85 -42.97 -36.74
C ASN B 76 6.41 -41.66 -37.27
N SER B 77 6.24 -41.41 -38.57
CA SER B 77 6.72 -40.17 -39.17
C SER B 77 6.05 -38.95 -38.53
N LEU B 78 4.75 -39.05 -38.25
CA LEU B 78 4.07 -37.91 -37.65
C LEU B 78 4.65 -37.65 -36.27
N SER B 79 4.93 -38.73 -35.51
CA SER B 79 5.56 -38.55 -34.20
C SER B 79 6.98 -38.00 -34.32
N LEU B 80 7.70 -38.31 -35.40
CA LEU B 80 9.00 -37.69 -35.62
C LEU B 80 8.85 -36.18 -35.77
N PHE B 81 7.88 -35.77 -36.59
CA PHE B 81 7.59 -34.34 -36.75
C PHE B 81 7.25 -33.72 -35.40
N ALA B 82 6.44 -34.41 -34.59
CA ALA B 82 6.05 -33.87 -33.30
C ALA B 82 7.25 -33.73 -32.38
N ALA B 83 8.15 -34.72 -32.41
CA ALA B 83 9.34 -34.68 -31.56
C ALA B 83 10.25 -33.52 -31.95
N ILE B 84 10.47 -33.30 -33.25
CA ILE B 84 11.33 -32.20 -33.65
C ILE B 84 10.66 -30.87 -33.34
N SER B 85 9.33 -30.82 -33.40
CA SER B 85 8.61 -29.60 -33.02
C SER B 85 8.79 -29.34 -31.53
N GLY B 86 8.74 -30.38 -30.72
CA GLY B 86 8.98 -30.21 -29.29
C GLY B 86 10.38 -29.75 -28.99
N MET B 87 11.36 -30.31 -29.70
CA MET B 87 12.74 -29.79 -29.63
C MET B 87 12.78 -28.29 -29.89
N ILE B 88 12.20 -27.85 -31.01
CA ILE B 88 12.28 -26.43 -31.37
C ILE B 88 11.60 -25.58 -30.31
N LEU B 89 10.42 -26.01 -29.83
CA LEU B 89 9.71 -25.21 -28.83
C LEU B 89 10.50 -25.13 -27.54
N SER B 90 11.15 -26.23 -27.14
CA SER B 90 11.93 -26.23 -25.90
C SER B 90 13.16 -25.33 -26.01
N ILE B 91 13.86 -25.40 -27.15
CA ILE B 91 15.03 -24.53 -27.30
C ILE B 91 14.62 -23.08 -27.47
N MET B 92 13.36 -22.82 -27.83
CA MET B 92 12.85 -21.45 -27.82
C MET B 92 12.54 -21.02 -26.39
N ASP B 93 11.89 -21.90 -25.63
CA ASP B 93 11.37 -21.53 -24.32
C ASP B 93 12.48 -21.38 -23.29
N ILE B 94 13.57 -22.14 -23.42
CA ILE B 94 14.71 -21.92 -22.52
C ILE B 94 15.21 -20.49 -22.66
N LEU B 95 15.45 -20.04 -23.90
CA LEU B 95 15.84 -18.65 -24.12
C LEU B 95 14.76 -17.70 -23.62
N ASN B 96 13.48 -18.05 -23.81
CA ASN B 96 12.40 -17.20 -23.35
C ASN B 96 12.44 -17.00 -21.85
N ILE B 97 12.79 -18.05 -21.10
CA ILE B 97 12.74 -17.97 -19.65
C ILE B 97 14.04 -17.46 -19.05
N LYS B 98 15.14 -17.50 -19.81
CA LYS B 98 16.44 -17.10 -19.30
C LYS B 98 17.01 -15.89 -20.04
N ILE B 99 16.35 -15.44 -21.11
CA ILE B 99 16.60 -14.15 -21.73
C ILE B 99 15.26 -13.44 -21.80
N SER B 100 15.30 -12.11 -21.87
CA SER B 100 14.08 -11.32 -21.96
C SER B 100 13.25 -11.74 -23.17
N HIS B 101 11.98 -12.09 -22.91
CA HIS B 101 11.12 -12.69 -23.93
C HIS B 101 10.85 -11.69 -25.05
N PHE B 102 11.33 -12.02 -26.26
CA PHE B 102 11.16 -11.13 -27.40
C PHE B 102 9.77 -11.19 -28.01
N LEU B 103 8.99 -12.24 -27.73
CA LEU B 103 7.64 -12.36 -28.28
C LEU B 103 6.64 -12.47 -27.14
N LYS B 104 5.42 -11.96 -27.39
CA LYS B 104 4.42 -11.75 -26.37
C LYS B 104 3.84 -13.01 -25.73
N MET B 105 3.16 -13.84 -26.51
CA MET B 105 2.43 -15.00 -26.00
C MET B 105 1.46 -14.62 -24.88
N GLU B 106 0.45 -13.82 -25.24
CA GLU B 106 -0.57 -13.46 -24.27
C GLU B 106 -1.38 -14.69 -23.86
N SER B 107 -1.61 -14.82 -22.56
CA SER B 107 -2.28 -16.00 -22.03
C SER B 107 -3.80 -15.89 -22.20
N LEU B 108 -4.49 -16.94 -21.77
CA LEU B 108 -5.94 -17.04 -21.96
C LEU B 108 -6.70 -16.42 -20.80
N ASN B 109 -7.96 -16.08 -21.07
CA ASN B 109 -8.73 -15.23 -20.15
C ASN B 109 -9.26 -15.99 -18.94
N PHE B 110 -9.84 -17.19 -19.14
CA PHE B 110 -10.43 -17.94 -18.05
C PHE B 110 -9.43 -18.32 -16.96
N ILE B 111 -8.13 -18.23 -17.22
CA ILE B 111 -7.11 -18.53 -16.22
C ILE B 111 -6.50 -17.26 -15.65
N ARG B 112 -6.16 -16.27 -16.49
CA ARG B 112 -5.62 -15.02 -15.98
C ARG B 112 -6.60 -14.28 -15.08
N ALA B 113 -7.89 -14.60 -15.14
CA ALA B 113 -8.89 -13.90 -14.33
C ALA B 113 -8.61 -13.99 -12.84
N HIS B 114 -7.68 -14.84 -12.41
CA HIS B 114 -7.31 -14.95 -11.00
C HIS B 114 -6.07 -14.12 -10.68
N THR B 115 -5.00 -14.32 -11.44
CA THR B 115 -3.73 -13.60 -11.24
C THR B 115 -3.31 -12.98 -12.56
N PRO B 116 -3.85 -11.81 -12.91
CA PRO B 116 -3.56 -11.20 -14.22
C PRO B 116 -2.48 -10.12 -14.22
N TYR B 117 -1.76 -9.91 -13.12
CA TYR B 117 -0.92 -8.73 -13.00
C TYR B 117 0.58 -9.01 -12.98
N ILE B 118 1.01 -10.09 -12.32
CA ILE B 118 2.43 -10.33 -12.12
C ILE B 118 3.10 -10.78 -13.42
N ASN B 119 4.37 -10.44 -13.56
CA ASN B 119 5.20 -10.87 -14.68
C ASN B 119 6.29 -11.81 -14.17
N ILE B 120 6.68 -12.75 -15.02
CA ILE B 120 7.62 -13.80 -14.65
C ILE B 120 9.00 -13.59 -15.24
N TYR B 121 9.18 -12.60 -16.10
CA TYR B 121 10.43 -12.38 -16.81
C TYR B 121 11.32 -11.32 -16.15
N ASN B 122 10.74 -10.16 -15.82
CA ASN B 122 11.49 -9.05 -15.23
C ASN B 122 10.76 -8.57 -13.97
N CYS B 123 11.07 -9.18 -12.84
CA CYS B 123 10.51 -8.79 -11.56
C CYS B 123 11.40 -7.77 -10.85
N GLU B 124 11.83 -6.75 -11.57
CA GLU B 124 12.78 -5.78 -11.04
C GLU B 124 12.07 -4.47 -10.71
N PRO B 125 11.96 -4.09 -9.44
CA PRO B 125 11.38 -2.79 -9.11
C PRO B 125 12.26 -1.66 -9.61
N ALA B 126 11.62 -0.52 -9.90
CA ALA B 126 12.35 0.63 -10.42
C ALA B 126 13.41 1.10 -9.43
N ASN B 127 12.98 1.55 -8.26
CA ASN B 127 13.93 1.97 -7.22
C ASN B 127 14.68 0.78 -6.63
N PRO B 128 16.02 0.79 -6.68
CA PRO B 128 16.78 -0.35 -6.13
C PRO B 128 16.66 -0.54 -4.64
N SER B 129 16.23 0.48 -3.89
CA SER B 129 16.05 0.32 -2.44
C SER B 129 14.98 -0.71 -2.11
N GLU B 130 13.94 -0.82 -2.93
CA GLU B 130 12.86 -1.78 -2.69
C GLU B 130 13.26 -3.22 -3.02
N LYS B 131 14.52 -3.46 -3.40
CA LYS B 131 14.91 -4.79 -3.88
C LYS B 131 14.83 -5.85 -2.79
N ASN B 132 14.80 -5.45 -1.52
CA ASN B 132 14.71 -6.41 -0.42
C ASN B 132 13.26 -6.73 -0.09
N SER B 133 12.49 -7.12 -1.12
CA SER B 133 11.07 -7.36 -0.99
C SER B 133 10.75 -8.85 -1.10
N PRO B 134 9.65 -9.30 -0.48
CA PRO B 134 9.23 -10.70 -0.66
C PRO B 134 8.98 -11.08 -2.11
N SER B 135 8.42 -10.17 -2.91
CA SER B 135 8.05 -10.47 -4.30
C SER B 135 9.26 -10.75 -5.20
N THR B 136 10.47 -10.64 -4.70
CA THR B 136 11.58 -11.02 -5.56
C THR B 136 12.32 -12.22 -5.04
N GLN B 137 12.34 -12.45 -3.73
CA GLN B 137 12.73 -13.78 -3.29
C GLN B 137 11.78 -14.76 -3.98
N TYR B 138 10.49 -14.41 -3.97
CA TYR B 138 9.46 -15.22 -4.63
C TYR B 138 9.72 -15.37 -6.14
N CYS B 139 10.07 -14.26 -6.83
CA CYS B 139 10.19 -14.42 -8.28
C CYS B 139 11.44 -15.21 -8.65
N TYR B 140 12.55 -14.98 -7.93
CA TYR B 140 13.74 -15.79 -8.17
C TYR B 140 13.48 -17.27 -7.86
N SER B 141 12.70 -17.54 -6.83
CA SER B 141 12.38 -18.93 -6.51
C SER B 141 11.55 -19.56 -7.63
N ILE B 142 10.56 -18.82 -8.12
CA ILE B 142 9.72 -19.34 -9.20
C ILE B 142 10.54 -19.53 -10.46
N GLN B 143 11.47 -18.63 -10.72
CA GLN B 143 12.32 -18.78 -11.91
C GLN B 143 13.19 -20.04 -11.80
N SER B 144 13.77 -20.28 -10.61
CA SER B 144 14.55 -21.51 -10.44
C SER B 144 13.66 -22.75 -10.54
N LEU B 145 12.40 -22.65 -10.11
CA LEU B 145 11.52 -23.81 -10.16
C LEU B 145 11.08 -24.11 -11.59
N PHE B 146 10.76 -23.07 -12.36
CA PHE B 146 10.49 -23.25 -13.79
C PHE B 146 11.74 -23.78 -14.50
N LEU B 147 12.91 -23.29 -14.12
CA LEU B 147 14.14 -23.82 -14.73
C LEU B 147 14.28 -25.30 -14.47
N GLY B 148 13.98 -25.74 -13.23
CA GLY B 148 14.07 -27.17 -12.93
C GLY B 148 13.05 -28.00 -13.67
N ILE B 149 11.80 -27.54 -13.74
CA ILE B 149 10.78 -28.31 -14.45
C ILE B 149 11.13 -28.42 -15.93
N LEU B 150 11.53 -27.30 -16.55
CA LEU B 150 11.90 -27.36 -17.97
C LEU B 150 13.15 -28.19 -18.19
N SER B 151 14.10 -28.19 -17.24
CA SER B 151 15.29 -29.02 -17.42
C SER B 151 14.94 -30.50 -17.33
N VAL B 152 14.06 -30.89 -16.40
CA VAL B 152 13.71 -32.30 -16.31
C VAL B 152 12.89 -32.71 -17.52
N MET B 153 12.04 -31.81 -18.03
CA MET B 153 11.31 -32.08 -19.26
C MET B 153 12.24 -32.22 -20.46
N LEU B 154 13.29 -31.40 -20.51
CA LEU B 154 14.29 -31.51 -21.55
C LEU B 154 15.00 -32.87 -21.47
N ILE B 155 15.39 -33.26 -20.26
CA ILE B 155 16.05 -34.54 -20.03
C ILE B 155 15.18 -35.68 -20.54
N PHE B 156 13.91 -35.68 -20.13
CA PHE B 156 13.02 -36.77 -20.50
C PHE B 156 12.70 -36.75 -21.98
N ALA B 157 12.68 -35.57 -22.60
CA ALA B 157 12.43 -35.51 -24.03
C ALA B 157 13.61 -36.09 -24.82
N PHE B 158 14.85 -35.74 -24.43
CA PHE B 158 15.99 -36.40 -25.06
C PHE B 158 15.98 -37.90 -24.82
N PHE B 159 15.60 -38.35 -23.62
CA PHE B 159 15.53 -39.79 -23.37
C PHE B 159 14.53 -40.47 -24.29
N GLN B 160 13.33 -39.90 -24.43
CA GLN B 160 12.32 -40.50 -25.29
C GLN B 160 12.75 -40.48 -26.75
N GLU B 161 13.31 -39.37 -27.23
CA GLU B 161 13.77 -39.35 -28.62
C GLU B 161 14.94 -40.30 -28.85
N LEU B 162 15.81 -40.50 -27.86
CA LEU B 162 16.88 -41.47 -28.00
C LEU B 162 16.33 -42.89 -28.09
N VAL B 163 15.41 -43.25 -27.19
CA VAL B 163 14.87 -44.60 -27.25
C VAL B 163 14.12 -44.82 -28.56
N ILE B 164 13.42 -43.78 -29.03
CA ILE B 164 12.70 -43.89 -30.29
C ILE B 164 13.68 -44.12 -31.44
N ALA B 165 14.68 -43.24 -31.56
CA ALA B 165 15.65 -43.36 -32.65
C ALA B 165 16.37 -44.70 -32.59
N GLY B 166 16.49 -45.27 -31.39
CA GLY B 166 17.12 -46.57 -31.26
C GLY B 166 16.24 -47.70 -31.75
N ILE B 167 14.95 -47.64 -31.42
CA ILE B 167 14.06 -48.75 -31.71
C ILE B 167 13.42 -48.65 -33.10
N VAL B 168 13.13 -47.44 -33.60
CA VAL B 168 12.45 -47.31 -34.88
C VAL B 168 13.27 -47.81 -36.06
N GLU B 169 14.54 -48.16 -35.84
CA GLU B 169 15.40 -48.68 -36.90
C GLU B 169 14.80 -49.91 -37.56
N VAL C 1 8.50 10.66 -9.88
CA VAL C 1 7.10 10.47 -9.51
C VAL C 1 6.45 11.82 -9.18
N GLN C 2 5.29 12.07 -9.77
CA GLN C 2 4.54 13.29 -9.53
C GLN C 2 3.07 12.97 -9.37
N LEU C 3 2.41 13.67 -8.45
CA LEU C 3 0.96 13.58 -8.28
C LEU C 3 0.41 15.00 -8.31
N VAL C 4 -0.35 15.32 -9.36
CA VAL C 4 -0.87 16.65 -9.58
C VAL C 4 -2.39 16.60 -9.47
N GLN C 5 -2.93 17.35 -8.52
CA GLN C 5 -4.36 17.34 -8.22
C GLN C 5 -5.05 18.51 -8.92
N SER C 6 -6.38 18.40 -9.01
CA SER C 6 -7.18 19.45 -9.62
C SER C 6 -7.15 20.72 -8.76
N GLY C 7 -7.56 21.83 -9.37
CA GLY C 7 -7.56 23.10 -8.69
C GLY C 7 -8.67 23.22 -7.67
N ALA C 8 -8.63 24.31 -6.90
CA ALA C 8 -9.64 24.53 -5.87
C ALA C 8 -10.91 25.11 -6.47
N GLU C 9 -12.05 24.64 -5.98
CA GLU C 9 -13.37 25.09 -6.42
C GLU C 9 -14.22 25.37 -5.18
N VAL C 10 -14.89 26.52 -5.18
CA VAL C 10 -15.89 26.86 -4.17
C VAL C 10 -17.29 26.61 -4.74
N LYS C 11 -18.10 25.86 -4.01
CA LYS C 11 -19.44 25.52 -4.47
C LYS C 11 -20.49 25.92 -3.44
N LYS C 12 -21.72 25.47 -3.65
CA LYS C 12 -22.85 25.71 -2.78
C LYS C 12 -23.36 24.37 -2.26
N PRO C 13 -24.06 24.36 -1.12
CA PRO C 13 -24.60 23.08 -0.61
C PRO C 13 -25.51 22.42 -1.61
N GLY C 14 -25.39 21.09 -1.70
CA GLY C 14 -26.18 20.30 -2.64
C GLY C 14 -25.54 20.09 -3.99
N SER C 15 -24.42 20.75 -4.27
CA SER C 15 -23.74 20.60 -5.55
C SER C 15 -22.75 19.45 -5.47
N SER C 16 -21.90 19.30 -6.49
CA SER C 16 -20.90 18.24 -6.52
C SER C 16 -19.65 18.75 -7.20
N VAL C 17 -18.52 18.09 -6.88
CA VAL C 17 -17.23 18.43 -7.45
C VAL C 17 -16.59 17.15 -7.98
N LYS C 18 -15.74 17.30 -9.00
CA LYS C 18 -14.98 16.19 -9.55
C LYS C 18 -13.50 16.57 -9.52
N VAL C 19 -12.72 15.89 -8.68
CA VAL C 19 -11.30 16.18 -8.52
C VAL C 19 -10.50 15.11 -9.25
N SER C 20 -9.49 15.55 -10.01
CA SER C 20 -8.65 14.66 -10.80
C SER C 20 -7.28 14.52 -10.14
N CYS C 21 -7.01 13.34 -9.58
CA CYS C 21 -5.72 13.11 -8.90
C CYS C 21 -4.75 12.43 -9.86
N LYS C 22 -4.52 13.10 -11.00
CA LYS C 22 -3.70 12.55 -12.06
C LYS C 22 -2.26 12.39 -11.59
N ALA C 23 -1.67 11.24 -11.93
CA ALA C 23 -0.28 10.95 -11.58
C ALA C 23 0.41 10.28 -12.76
N SER C 24 1.73 10.38 -12.80
CA SER C 24 2.53 9.78 -13.86
C SER C 24 3.86 9.34 -13.29
N GLY C 25 4.54 8.47 -14.03
CA GLY C 25 5.81 7.94 -13.62
C GLY C 25 5.78 6.57 -12.99
N TYR C 26 4.65 5.88 -13.03
CA TYR C 26 4.55 4.54 -12.46
C TYR C 26 3.38 3.83 -13.11
N ALA C 27 3.22 2.55 -12.78
CA ALA C 27 2.12 1.74 -13.27
C ALA C 27 0.87 2.07 -12.46
N PHE C 28 0.00 2.92 -13.02
CA PHE C 28 -1.22 3.32 -12.31
C PHE C 28 -2.08 2.11 -11.97
N SER C 29 -2.21 1.16 -12.89
CA SER C 29 -3.08 0.02 -12.68
C SER C 29 -2.55 -0.94 -11.62
N TYR C 30 -1.29 -0.78 -11.20
CA TYR C 30 -0.68 -1.66 -10.21
C TYR C 30 -0.64 -1.04 -8.83
N SER C 31 -1.41 0.00 -8.58
CA SER C 31 -1.48 0.64 -7.27
C SER C 31 -2.92 0.94 -6.89
N TRP C 32 -3.21 0.83 -5.60
CA TRP C 32 -4.50 1.23 -5.06
C TRP C 32 -4.65 2.75 -5.10
N ILE C 33 -5.89 3.20 -5.00
CA ILE C 33 -6.22 4.62 -4.96
C ILE C 33 -7.17 4.87 -3.80
N ASN C 34 -6.80 5.79 -2.91
CA ASN C 34 -7.63 6.16 -1.77
C ASN C 34 -7.83 7.66 -1.74
N TRP C 35 -8.97 8.08 -1.17
CA TRP C 35 -9.27 9.48 -0.94
C TRP C 35 -9.42 9.74 0.55
N VAL C 36 -8.73 10.77 1.04
CA VAL C 36 -8.71 11.10 2.47
C VAL C 36 -8.89 12.60 2.60
N ARG C 37 -9.74 13.02 3.54
CA ARG C 37 -10.00 14.43 3.77
C ARG C 37 -9.53 14.85 5.16
N GLN C 38 -9.29 16.16 5.29
CA GLN C 38 -8.80 16.78 6.53
C GLN C 38 -9.66 18.01 6.82
N ALA C 39 -10.63 17.85 7.77
CA ALA C 39 -11.51 18.95 8.15
C ALA C 39 -10.92 19.77 9.29
N PRO C 40 -11.17 21.08 9.30
CA PRO C 40 -10.69 21.92 10.41
C PRO C 40 -11.26 21.46 11.75
N GLY C 41 -10.41 21.52 12.77
CA GLY C 41 -10.79 21.15 14.12
C GLY C 41 -10.91 19.67 14.38
N GLN C 42 -10.69 18.84 13.36
CA GLN C 42 -10.70 17.39 13.49
C GLN C 42 -9.38 16.86 12.98
N GLY C 43 -9.04 15.64 13.36
CA GLY C 43 -7.84 15.02 12.82
C GLY C 43 -8.05 14.57 11.38
N LEU C 44 -7.45 13.46 10.98
CA LEU C 44 -7.64 12.96 9.63
C LEU C 44 -8.66 11.83 9.68
N GLU C 45 -9.56 11.78 8.68
CA GLU C 45 -10.56 10.74 8.64
C GLU C 45 -10.65 10.08 7.26
N TRP C 46 -10.60 8.75 7.24
CA TRP C 46 -10.65 7.97 6.01
C TRP C 46 -12.10 7.88 5.57
N MET C 47 -12.42 8.24 4.32
CA MET C 47 -13.80 8.15 3.87
C MET C 47 -14.06 6.96 2.97
N GLY C 48 -13.07 6.51 2.21
CA GLY C 48 -13.22 5.32 1.40
C GLY C 48 -11.99 5.07 0.56
N ARG C 49 -12.08 4.04 -0.27
CA ARG C 49 -10.96 3.66 -1.14
C ARG C 49 -11.52 2.99 -2.39
N ILE C 50 -10.71 2.97 -3.44
CA ILE C 50 -11.05 2.28 -4.69
C ILE C 50 -9.84 1.52 -5.22
N PHE C 51 -10.09 0.34 -5.79
CA PHE C 51 -9.04 -0.36 -6.51
C PHE C 51 -9.29 -0.19 -8.00
N PRO C 52 -8.51 0.63 -8.72
CA PRO C 52 -8.86 0.91 -10.12
C PRO C 52 -8.81 -0.30 -11.03
N GLY C 53 -8.00 -1.31 -10.72
CA GLY C 53 -7.82 -2.43 -11.63
C GLY C 53 -9.10 -3.17 -11.95
N ASP C 54 -9.86 -3.54 -10.91
CA ASP C 54 -11.09 -4.29 -11.12
C ASP C 54 -12.32 -3.68 -10.43
N GLY C 55 -12.17 -2.54 -9.76
CA GLY C 55 -13.29 -1.91 -9.09
C GLY C 55 -13.52 -2.35 -7.65
N ASP C 56 -12.58 -3.07 -7.04
CA ASP C 56 -12.73 -3.44 -5.64
C ASP C 56 -12.76 -2.20 -4.77
N THR C 57 -13.61 -2.23 -3.75
CA THR C 57 -13.74 -1.10 -2.82
C THR C 57 -13.69 -1.58 -1.38
N ASP C 58 -13.37 -0.65 -0.50
CA ASP C 58 -13.54 -0.81 0.94
C ASP C 58 -14.16 0.46 1.51
N TYR C 59 -15.07 0.29 2.46
CA TYR C 59 -15.76 1.42 3.08
C TYR C 59 -15.58 1.37 4.59
N ASN C 60 -15.47 2.55 5.20
CA ASN C 60 -15.35 2.62 6.65
C ASN C 60 -16.65 2.22 7.34
N GLY C 61 -17.79 2.55 6.73
CA GLY C 61 -19.09 2.25 7.26
C GLY C 61 -19.78 3.42 7.95
N LYS C 62 -19.00 4.32 8.55
CA LYS C 62 -19.60 5.49 9.20
C LYS C 62 -20.36 6.34 8.18
N PHE C 63 -19.77 6.55 7.00
CA PHE C 63 -20.45 7.21 5.89
C PHE C 63 -21.19 6.13 5.10
N LYS C 64 -22.52 6.11 5.21
CA LYS C 64 -23.29 4.96 4.77
C LYS C 64 -23.40 4.82 3.26
N GLY C 65 -22.28 4.57 2.59
CA GLY C 65 -22.29 4.20 1.19
C GLY C 65 -22.80 5.25 0.23
N ARG C 66 -22.87 6.51 0.66
CA ARG C 66 -23.42 7.55 -0.20
C ARG C 66 -22.46 8.00 -1.29
N VAL C 67 -21.15 7.83 -1.08
CA VAL C 67 -20.16 8.26 -2.07
C VAL C 67 -20.13 7.28 -3.23
N THR C 68 -19.90 7.82 -4.43
CA THR C 68 -19.71 7.02 -5.64
C THR C 68 -18.26 7.17 -6.11
N ILE C 69 -17.59 6.04 -6.28
CA ILE C 69 -16.20 6.00 -6.75
C ILE C 69 -16.14 5.31 -8.10
N THR C 70 -15.43 5.93 -9.04
CA THR C 70 -15.32 5.43 -10.41
C THR C 70 -13.85 5.51 -10.81
N ALA C 71 -13.51 4.88 -11.94
CA ALA C 71 -12.15 4.95 -12.48
C ALA C 71 -12.21 5.13 -13.99
N ASP C 72 -11.26 5.90 -14.52
CA ASP C 72 -11.10 6.10 -15.96
C ASP C 72 -9.74 5.53 -16.36
N LYS C 73 -9.74 4.33 -16.93
CA LYS C 73 -8.49 3.67 -17.29
C LYS C 73 -7.83 4.32 -18.50
N SER C 74 -8.62 4.97 -19.36
CA SER C 74 -8.08 5.52 -20.59
C SER C 74 -7.09 6.66 -20.36
N THR C 75 -7.16 7.33 -19.20
CA THR C 75 -6.27 8.43 -18.89
C THR C 75 -5.58 8.23 -17.55
N SER C 76 -5.81 7.08 -16.90
CA SER C 76 -5.29 6.79 -15.56
C SER C 76 -5.67 7.90 -14.59
N THR C 77 -6.93 8.29 -14.63
CA THR C 77 -7.48 9.36 -13.80
C THR C 77 -8.59 8.80 -12.91
N ALA C 78 -8.51 9.09 -11.62
CA ALA C 78 -9.56 8.75 -10.67
C ALA C 78 -10.40 9.98 -10.37
N TYR C 79 -11.66 9.75 -10.02
CA TYR C 79 -12.63 10.81 -9.75
C TYR C 79 -13.34 10.54 -8.44
N MET C 80 -13.54 11.60 -7.66
CA MET C 80 -14.27 11.56 -6.41
C MET C 80 -15.47 12.49 -6.50
N GLU C 81 -16.66 11.95 -6.20
CA GLU C 81 -17.89 12.71 -6.25
C GLU C 81 -18.48 12.84 -4.86
N LEU C 82 -18.93 14.05 -4.52
CA LEU C 82 -19.54 14.31 -3.22
C LEU C 82 -20.87 15.03 -3.46
N SER C 83 -21.97 14.35 -3.18
CA SER C 83 -23.31 14.91 -3.32
C SER C 83 -23.88 15.20 -1.94
N SER C 84 -25.01 15.92 -1.94
CA SER C 84 -25.69 16.32 -0.71
C SER C 84 -24.72 16.92 0.29
N LEU C 85 -23.98 17.94 -0.16
CA LEU C 85 -22.93 18.53 0.66
C LEU C 85 -23.50 19.16 1.93
N ARG C 86 -22.80 18.95 3.03
CA ARG C 86 -23.14 19.56 4.32
C ARG C 86 -21.96 20.38 4.81
N SER C 87 -22.23 21.26 5.77
CA SER C 87 -21.20 22.16 6.29
C SER C 87 -19.99 21.38 6.83
N GLU C 88 -20.24 20.21 7.43
CA GLU C 88 -19.17 19.41 8.02
C GLU C 88 -18.31 18.70 6.97
N ASP C 89 -18.62 18.84 5.69
CA ASP C 89 -17.79 18.29 4.63
C ASP C 89 -16.69 19.24 4.16
N THR C 90 -16.63 20.46 4.67
CA THR C 90 -15.54 21.36 4.33
C THR C 90 -14.22 20.78 4.78
N ALA C 91 -13.33 20.52 3.82
CA ALA C 91 -12.05 19.88 4.09
C ALA C 91 -11.18 19.95 2.84
N VAL C 92 -9.90 19.65 3.04
CA VAL C 92 -8.98 19.42 1.93
C VAL C 92 -8.95 17.93 1.61
N TYR C 93 -9.19 17.59 0.35
CA TYR C 93 -9.24 16.21 -0.11
C TYR C 93 -7.96 15.84 -0.85
N TYR C 94 -7.30 14.78 -0.38
CA TYR C 94 -6.06 14.29 -0.98
C TYR C 94 -6.33 12.95 -1.66
N CYS C 95 -5.68 12.73 -2.80
CA CYS C 95 -5.53 11.39 -3.36
C CYS C 95 -4.16 10.84 -3.01
N ALA C 96 -4.06 9.51 -2.91
CA ALA C 96 -2.79 8.89 -2.58
C ALA C 96 -2.68 7.50 -3.19
N ARG C 97 -1.49 7.16 -3.69
CA ARG C 97 -1.22 5.85 -4.27
C ARG C 97 -0.65 4.95 -3.18
N ASN C 98 -1.25 3.77 -3.01
CA ASN C 98 -0.66 2.74 -2.18
C ASN C 98 0.54 2.06 -2.84
N VAL C 99 1.66 2.04 -2.13
CA VAL C 99 2.86 1.30 -2.56
C VAL C 99 2.91 0.02 -1.72
N PHE C 100 2.94 -1.13 -2.39
CA PHE C 100 2.88 -2.41 -1.69
C PHE C 100 4.14 -2.66 -0.87
N ASP C 101 4.05 -3.68 -0.01
CA ASP C 101 5.17 -4.17 0.80
C ASP C 101 5.68 -3.12 1.78
N GLY C 102 4.80 -2.72 2.70
CA GLY C 102 5.19 -1.92 3.85
C GLY C 102 5.12 -0.42 3.64
N TYR C 103 5.64 0.09 2.53
CA TYR C 103 5.66 1.53 2.27
C TYR C 103 4.27 1.98 1.80
N TRP C 104 3.31 1.94 2.72
CA TRP C 104 1.90 2.15 2.41
C TRP C 104 1.67 3.35 1.48
N LEU C 105 1.96 4.55 1.96
CA LEU C 105 1.53 5.77 1.28
C LEU C 105 2.68 6.78 1.32
N VAL C 106 3.67 6.61 0.44
CA VAL C 106 4.84 7.46 0.45
C VAL C 106 4.60 8.79 -0.26
N TYR C 107 3.86 8.78 -1.37
CA TYR C 107 3.70 9.98 -2.19
C TYR C 107 2.26 10.47 -2.10
N TRP C 108 2.08 11.74 -1.74
CA TRP C 108 0.75 12.32 -1.59
C TRP C 108 0.63 13.55 -2.49
N GLY C 109 -0.59 13.79 -2.96
CA GLY C 109 -0.86 15.00 -3.71
C GLY C 109 -0.90 16.22 -2.82
N GLN C 110 -1.06 17.38 -3.44
CA GLN C 110 -1.06 18.64 -2.70
C GLN C 110 -2.41 18.95 -2.07
N GLY C 111 -3.46 18.22 -2.42
CA GLY C 111 -4.75 18.44 -1.79
C GLY C 111 -5.55 19.56 -2.45
N THR C 112 -6.87 19.44 -2.34
CA THR C 112 -7.79 20.47 -2.84
C THR C 112 -8.76 20.83 -1.72
N LEU C 113 -8.72 22.09 -1.29
CA LEU C 113 -9.64 22.57 -0.27
C LEU C 113 -10.99 22.86 -0.91
N VAL C 114 -12.04 22.19 -0.42
CA VAL C 114 -13.41 22.44 -0.84
C VAL C 114 -14.17 23.07 0.32
N THR C 115 -14.70 24.27 0.10
CA THR C 115 -15.45 25.00 1.11
C THR C 115 -16.91 25.08 0.67
N VAL C 116 -17.81 24.55 1.50
CA VAL C 116 -19.23 24.53 1.21
C VAL C 116 -19.91 25.66 1.98
N SER C 117 -20.60 26.54 1.26
CA SER C 117 -21.26 27.67 1.88
C SER C 117 -22.33 28.20 0.94
N SER C 118 -23.40 28.75 1.53
CA SER C 118 -24.48 29.37 0.77
C SER C 118 -24.24 30.87 0.60
N ALA C 119 -23.07 31.22 0.08
CA ALA C 119 -22.66 32.61 -0.07
C ALA C 119 -22.62 32.99 -1.55
N SER C 120 -22.28 34.24 -1.81
CA SER C 120 -22.19 34.77 -3.16
C SER C 120 -20.97 35.68 -3.26
N THR C 121 -20.60 36.03 -4.48
CA THR C 121 -19.46 36.90 -4.71
C THR C 121 -19.72 38.28 -4.10
N LYS C 122 -18.72 38.79 -3.38
CA LYS C 122 -18.83 40.08 -2.72
C LYS C 122 -17.43 40.67 -2.59
N GLY C 123 -17.30 41.94 -2.97
CA GLY C 123 -16.02 42.62 -2.89
C GLY C 123 -15.63 42.94 -1.47
N PRO C 124 -14.33 43.01 -1.21
CA PRO C 124 -13.86 43.26 0.16
C PRO C 124 -13.99 44.74 0.53
N SER C 125 -14.24 44.97 1.82
CA SER C 125 -14.26 46.31 2.37
C SER C 125 -12.96 46.55 3.14
N VAL C 126 -12.26 47.62 2.79
CA VAL C 126 -10.96 47.94 3.38
C VAL C 126 -11.11 49.18 4.25
N PHE C 127 -10.75 49.04 5.53
CA PHE C 127 -10.91 50.17 6.42
C PHE C 127 -9.59 50.57 7.07
N PRO C 128 -9.42 51.85 7.38
CA PRO C 128 -8.18 52.30 8.03
C PRO C 128 -8.22 52.04 9.51
N LEU C 129 -7.06 51.65 10.07
CA LEU C 129 -6.88 51.61 11.53
C LEU C 129 -6.07 52.84 11.92
N ALA C 130 -6.77 53.95 12.12
CA ALA C 130 -6.10 55.23 12.36
C ALA C 130 -5.51 55.25 13.77
N PRO C 131 -4.26 55.69 13.93
CA PRO C 131 -3.72 55.87 15.29
C PRO C 131 -4.44 56.99 16.03
N SER C 132 -4.55 56.81 17.35
CA SER C 132 -5.17 57.80 18.21
C SER C 132 -4.12 58.73 18.80
N SER C 133 -4.60 59.82 19.40
CA SER C 133 -3.71 60.78 20.04
C SER C 133 -3.00 60.16 21.23
N LYS C 134 -3.70 59.29 21.98
CA LYS C 134 -3.09 58.66 23.13
C LYS C 134 -2.22 57.47 22.73
N SER C 135 -2.15 57.17 21.43
CA SER C 135 -1.30 56.09 20.93
C SER C 135 0.10 56.61 20.66
N THR C 136 0.62 57.34 21.65
CA THR C 136 1.98 57.89 21.62
C THR C 136 2.77 57.34 22.82
N SER C 137 2.60 56.04 23.06
CA SER C 137 3.30 55.39 24.17
C SER C 137 4.81 55.47 24.02
N GLY C 138 5.29 55.60 22.79
CA GLY C 138 6.72 55.60 22.54
C GLY C 138 7.19 54.27 21.95
N GLY C 139 8.45 54.27 21.55
CA GLY C 139 9.00 53.05 20.97
C GLY C 139 8.43 52.84 19.59
N THR C 140 7.61 51.80 19.46
CA THR C 140 6.98 51.53 18.16
C THR C 140 5.51 51.90 18.21
N ALA C 141 4.86 51.86 17.04
CA ALA C 141 3.42 52.03 16.93
C ALA C 141 2.87 51.00 15.97
N ALA C 142 1.71 50.44 16.30
CA ALA C 142 1.04 49.50 15.40
C ALA C 142 0.03 50.26 14.54
N LEU C 143 -0.03 49.87 13.27
CA LEU C 143 -1.04 50.37 12.35
C LEU C 143 -1.37 49.22 11.40
N GLY C 144 -2.40 49.40 10.60
CA GLY C 144 -2.77 48.33 9.70
C GLY C 144 -3.92 48.71 8.79
N CYS C 145 -4.45 47.67 8.13
CA CYS C 145 -5.59 47.77 7.24
C CYS C 145 -6.55 46.65 7.61
N LEU C 146 -7.84 46.96 7.65
CA LEU C 146 -8.87 45.96 7.90
C LEU C 146 -9.53 45.55 6.59
N VAL C 147 -9.37 44.27 6.24
CA VAL C 147 -9.90 43.73 4.99
C VAL C 147 -11.14 42.91 5.34
N LYS C 148 -12.31 43.50 5.13
CA LYS C 148 -13.56 43.05 5.74
C LYS C 148 -14.53 42.61 4.65
N ASP C 149 -15.28 41.54 4.93
CA ASP C 149 -16.41 41.13 4.09
C ASP C 149 -15.95 40.68 2.71
N TYR C 150 -15.09 39.67 2.65
CA TYR C 150 -14.64 39.11 1.38
C TYR C 150 -14.92 37.61 1.34
N PHE C 151 -15.08 37.08 0.13
CA PHE C 151 -15.35 35.67 -0.11
C PHE C 151 -15.17 35.36 -1.59
N PRO C 152 -14.59 34.21 -1.96
CA PRO C 152 -13.99 33.20 -1.08
C PRO C 152 -12.50 33.43 -0.83
N GLU C 153 -11.85 32.45 -0.21
CA GLU C 153 -10.41 32.49 -0.05
C GLU C 153 -9.72 32.33 -1.40
N PRO C 154 -8.48 32.83 -1.54
CA PRO C 154 -7.71 33.58 -0.54
C PRO C 154 -7.59 35.07 -0.87
N VAL C 155 -7.16 35.87 0.11
CA VAL C 155 -6.83 37.27 -0.12
C VAL C 155 -5.37 37.47 0.25
N THR C 156 -4.73 38.42 -0.44
CA THR C 156 -3.36 38.82 -0.13
C THR C 156 -3.34 40.31 0.22
N VAL C 157 -2.48 40.67 1.15
CA VAL C 157 -2.30 42.07 1.57
C VAL C 157 -0.81 42.38 1.57
N SER C 158 -0.45 43.51 0.96
CA SER C 158 0.91 44.03 1.02
C SER C 158 0.87 45.48 1.48
N TRP C 159 2.05 46.00 1.79
CA TRP C 159 2.19 47.37 2.30
C TRP C 159 3.14 48.15 1.41
N ASN C 160 2.74 49.36 1.02
CA ASN C 160 3.49 50.20 0.10
C ASN C 160 3.94 49.41 -1.14
N SER C 161 2.99 48.68 -1.72
CA SER C 161 3.22 47.90 -2.95
C SER C 161 4.33 46.88 -2.78
N GLY C 162 4.52 46.38 -1.55
CA GLY C 162 5.52 45.37 -1.28
C GLY C 162 6.79 45.88 -0.65
N ALA C 163 6.98 47.19 -0.56
CA ALA C 163 8.22 47.74 -0.01
C ALA C 163 8.40 47.35 1.46
N LEU C 164 7.31 47.16 2.20
CA LEU C 164 7.36 46.83 3.62
C LEU C 164 7.00 45.36 3.79
N THR C 165 7.99 44.56 4.17
CA THR C 165 7.80 43.12 4.38
C THR C 165 8.17 42.66 5.79
N SER C 166 9.14 43.30 6.43
CA SER C 166 9.50 42.96 7.79
C SER C 166 8.44 43.45 8.77
N GLY C 167 8.12 42.63 9.75
CA GLY C 167 7.15 43.01 10.75
C GLY C 167 5.70 42.92 10.34
N VAL C 168 5.40 42.23 9.24
CA VAL C 168 4.04 42.10 8.76
C VAL C 168 3.37 40.91 9.45
N HIS C 169 2.14 41.12 9.91
CA HIS C 169 1.28 40.05 10.40
C HIS C 169 -0.05 40.13 9.68
N THR C 170 -0.38 39.08 8.94
CA THR C 170 -1.69 38.94 8.31
C THR C 170 -2.50 37.88 9.07
N PHE C 171 -3.61 38.32 9.66
CA PHE C 171 -4.39 37.46 10.54
C PHE C 171 -5.17 36.44 9.73
N PRO C 172 -4.96 35.13 9.92
CA PRO C 172 -5.79 34.14 9.25
C PRO C 172 -7.26 34.27 9.63
N ALA C 173 -8.13 34.09 8.64
CA ALA C 173 -9.56 34.07 8.87
C ALA C 173 -10.03 32.63 9.03
N VAL C 174 -10.78 32.35 10.10
CA VAL C 174 -11.18 30.97 10.40
C VAL C 174 -12.63 30.73 10.05
N LEU C 175 -13.52 31.65 10.44
CA LEU C 175 -14.96 31.48 10.24
C LEU C 175 -15.64 32.80 10.60
N GLN C 176 -16.95 32.83 10.39
CA GLN C 176 -17.78 33.96 10.80
C GLN C 176 -19.24 33.56 10.65
N SER C 177 -20.09 34.14 11.52
CA SER C 177 -21.48 33.72 11.59
C SER C 177 -22.32 34.25 10.43
N SER C 178 -21.99 35.43 9.89
CA SER C 178 -22.77 35.97 8.78
C SER C 178 -22.47 35.25 7.47
N GLY C 179 -21.36 34.52 7.39
CA GLY C 179 -20.95 33.84 6.18
C GLY C 179 -19.91 34.57 5.36
N LEU C 180 -19.57 35.80 5.70
CA LEU C 180 -18.51 36.53 5.05
C LEU C 180 -17.25 36.50 5.91
N TYR C 181 -16.10 36.49 5.26
CA TYR C 181 -14.81 36.45 5.95
C TYR C 181 -14.21 37.85 6.06
N SER C 182 -13.60 38.12 7.20
CA SER C 182 -12.93 39.39 7.44
C SER C 182 -11.62 39.13 8.19
N LEU C 183 -10.63 39.97 7.94
CA LEU C 183 -9.34 39.85 8.60
C LEU C 183 -8.69 41.21 8.68
N SER C 184 -7.73 41.33 9.59
CA SER C 184 -6.89 42.52 9.73
C SER C 184 -5.42 42.15 9.52
N SER C 185 -4.68 43.07 8.92
CA SER C 185 -3.22 42.97 8.81
C SER C 185 -2.61 44.19 9.49
N VAL C 186 -1.63 43.96 10.37
CA VAL C 186 -1.00 45.03 11.11
C VAL C 186 0.51 44.98 10.93
N VAL C 187 1.16 46.13 11.09
CA VAL C 187 2.60 46.26 11.01
C VAL C 187 3.05 47.27 12.07
N THR C 188 4.15 46.95 12.76
CA THR C 188 4.75 47.88 13.71
C THR C 188 5.77 48.75 12.99
N VAL C 189 5.68 50.06 13.18
CA VAL C 189 6.49 51.02 12.42
C VAL C 189 6.91 52.14 13.36
N PRO C 190 7.91 52.93 12.96
CA PRO C 190 8.30 54.09 13.78
C PRO C 190 7.16 55.08 13.92
N SER C 191 6.92 55.51 15.16
CA SER C 191 5.82 56.44 15.45
C SER C 191 6.11 57.84 14.93
N SER C 192 7.39 58.24 14.86
CA SER C 192 7.74 59.62 14.54
C SER C 192 7.45 59.99 13.09
N SER C 193 7.23 59.02 12.21
CA SER C 193 6.93 59.29 10.81
C SER C 193 5.44 59.37 10.52
N LEU C 194 4.59 59.28 11.56
CA LEU C 194 3.14 59.24 11.34
C LEU C 194 2.57 60.61 11.01
N GLY C 195 3.27 61.70 11.35
CA GLY C 195 2.71 63.02 11.15
C GLY C 195 2.89 63.60 9.76
N THR C 196 3.85 63.09 8.98
CA THR C 196 4.13 63.63 7.67
C THR C 196 4.12 62.60 6.54
N GLN C 197 4.19 61.31 6.84
CA GLN C 197 4.18 60.26 5.82
C GLN C 197 3.08 59.26 6.15
N THR C 198 2.35 58.83 5.13
CA THR C 198 1.21 57.94 5.29
C THR C 198 1.50 56.60 4.63
N TYR C 199 0.60 55.63 4.86
CA TYR C 199 0.75 54.29 4.34
C TYR C 199 -0.56 53.84 3.68
N ILE C 200 -0.43 52.91 2.74
CA ILE C 200 -1.56 52.39 1.98
C ILE C 200 -1.48 50.86 1.97
N CYS C 201 -2.64 50.22 2.15
CA CYS C 201 -2.73 48.76 2.08
C CYS C 201 -3.16 48.37 0.67
N ASN C 202 -2.50 47.36 0.10
CA ASN C 202 -2.84 46.84 -1.22
C ASN C 202 -3.59 45.52 -1.07
N VAL C 203 -4.87 45.53 -1.40
CA VAL C 203 -5.76 44.38 -1.27
C VAL C 203 -6.06 43.82 -2.65
N ASN C 204 -5.92 42.52 -2.81
CA ASN C 204 -6.19 41.85 -4.07
C ASN C 204 -7.18 40.70 -3.81
N HIS C 205 -8.31 40.73 -4.51
CA HIS C 205 -9.34 39.70 -4.42
C HIS C 205 -9.51 39.09 -5.80
N LYS C 206 -8.74 38.05 -6.09
CA LYS C 206 -8.72 37.48 -7.43
C LYS C 206 -10.08 36.98 -7.93
N PRO C 207 -10.92 36.32 -7.11
CA PRO C 207 -12.22 35.85 -7.64
C PRO C 207 -13.09 36.96 -8.20
N SER C 208 -12.96 38.19 -7.71
CA SER C 208 -13.76 39.30 -8.19
C SER C 208 -12.94 40.34 -8.95
N ASN C 209 -11.62 40.16 -9.04
CA ASN C 209 -10.74 41.11 -9.73
C ASN C 209 -10.96 42.54 -9.24
N THR C 210 -11.10 42.69 -7.93
CA THR C 210 -11.37 43.99 -7.31
C THR C 210 -10.16 44.45 -6.50
N LYS C 211 -9.67 45.65 -6.79
CA LYS C 211 -8.61 46.29 -6.04
C LYS C 211 -9.10 47.63 -5.52
N VAL C 212 -8.77 47.95 -4.27
CA VAL C 212 -9.19 49.18 -3.62
C VAL C 212 -8.05 49.70 -2.74
N ASP C 213 -7.78 50.99 -2.82
CA ASP C 213 -6.80 51.67 -1.99
C ASP C 213 -7.50 52.73 -1.15
N LYS C 214 -7.46 52.57 0.17
CA LYS C 214 -8.16 53.46 1.09
C LYS C 214 -7.14 54.14 1.98
N LYS C 215 -7.10 55.47 1.93
CA LYS C 215 -6.21 56.26 2.77
C LYS C 215 -6.84 56.54 4.12
N VAL C 216 -6.10 56.28 5.19
C VAL C 216 -3.00 56.51 9.47
N GLU C 217 -3.82 57.48 9.88
CA GLU C 217 -3.37 58.83 10.16
C GLU C 217 -3.93 59.29 11.49
N PRO C 218 -3.24 60.21 12.17
CA PRO C 218 -3.76 60.72 13.45
C PRO C 218 -5.15 61.32 13.30
N LYS C 219 -6.00 61.03 14.27
CA LYS C 219 -7.36 61.55 14.30
C LYS C 219 -7.99 61.35 15.68
N ASP D 1 -16.99 2.74 16.21
CA ASP D 1 -15.64 2.91 15.66
C ASP D 1 -14.60 2.93 16.76
N ILE D 2 -13.37 2.56 16.42
CA ILE D 2 -12.27 2.57 17.38
C ILE D 2 -11.77 3.99 17.53
N VAL D 3 -11.70 4.47 18.76
CA VAL D 3 -11.37 5.86 19.07
C VAL D 3 -9.88 5.96 19.39
N MET D 4 -9.22 6.96 18.79
CA MET D 4 -7.81 7.27 19.02
C MET D 4 -7.69 8.51 19.89
N THR D 5 -6.91 8.40 20.96
CA THR D 5 -6.77 9.48 21.94
C THR D 5 -5.29 9.73 22.18
N GLN D 6 -4.89 11.00 22.17
CA GLN D 6 -3.51 11.39 22.34
C GLN D 6 -3.34 12.22 23.61
N THR D 7 -2.12 12.22 24.13
CA THR D 7 -1.78 12.97 25.33
C THR D 7 -0.31 13.39 25.29
N PRO D 8 -0.03 14.70 25.29
CA PRO D 8 -1.04 15.76 25.28
C PRO D 8 -1.37 16.24 23.87
N LEU D 9 -2.38 17.10 23.75
CA LEU D 9 -2.73 17.67 22.45
C LEU D 9 -1.68 18.64 21.95
N SER D 10 -0.99 19.34 22.85
CA SER D 10 0.07 20.25 22.47
C SER D 10 1.21 20.11 23.47
N LEU D 11 2.43 20.36 23.00
CA LEU D 11 3.62 20.22 23.84
C LEU D 11 4.69 21.19 23.32
N PRO D 12 4.89 22.31 24.01
CA PRO D 12 6.04 23.18 23.69
C PRO D 12 7.34 22.51 24.13
N VAL D 13 8.25 22.32 23.17
CA VAL D 13 9.52 21.66 23.43
C VAL D 13 10.65 22.65 23.22
N THR D 14 11.74 22.44 23.96
CA THR D 14 12.94 23.25 23.87
C THR D 14 14.04 22.48 23.14
N PRO D 15 14.90 23.16 22.38
CA PRO D 15 15.94 22.46 21.62
C PRO D 15 16.84 21.61 22.51
N GLY D 16 17.17 20.42 22.01
CA GLY D 16 18.10 19.53 22.67
C GLY D 16 17.56 18.46 23.59
N GLU D 17 17.08 18.85 24.77
CA GLU D 17 16.87 17.87 25.83
C GLU D 17 15.63 17.00 25.64
N PRO D 18 14.41 17.54 25.58
CA PRO D 18 13.24 16.68 25.68
C PRO D 18 12.68 16.22 24.32
N ALA D 19 12.03 15.06 24.36
CA ALA D 19 11.27 14.56 23.21
C ALA D 19 10.29 13.51 23.73
N SER D 20 9.00 13.79 23.64
CA SER D 20 8.02 12.86 24.20
C SER D 20 6.66 13.08 23.52
N ILE D 21 6.14 12.01 22.92
CA ILE D 21 4.77 11.98 22.41
C ILE D 21 4.34 10.51 22.34
N SER D 22 3.10 10.25 22.74
CA SER D 22 2.63 8.89 22.92
C SER D 22 1.33 8.64 22.16
N CYS D 23 1.15 7.40 21.72
CA CYS D 23 -0.09 6.93 21.15
C CYS D 23 -0.51 5.66 21.88
N ARG D 24 -1.82 5.39 21.89
CA ARG D 24 -2.33 4.15 22.44
C ARG D 24 -3.53 3.68 21.62
N SER D 25 -3.74 2.37 21.62
CA SER D 25 -4.88 1.76 20.93
C SER D 25 -5.78 1.08 21.95
N SER D 26 -7.08 1.06 21.63
CA SER D 26 -8.08 0.50 22.53
C SER D 26 -8.23 -1.01 22.42
N LYS D 27 -7.63 -1.64 21.40
CA LYS D 27 -7.83 -3.06 21.16
C LYS D 27 -6.55 -3.88 21.26
N SER D 28 -5.44 -3.28 21.68
CA SER D 28 -4.17 -3.99 21.85
C SER D 28 -3.74 -4.67 20.55
N LEU D 29 -3.41 -3.81 19.58
CA LEU D 29 -3.01 -4.25 18.24
C LEU D 29 -1.99 -5.37 18.29
N LEU D 30 -2.39 -6.54 17.80
CA LEU D 30 -1.51 -7.69 17.68
C LEU D 30 -2.13 -8.74 16.76
N HIS D 31 -1.40 -9.13 15.71
CA HIS D 31 -1.86 -10.15 14.79
C HIS D 31 -1.24 -11.52 15.08
N SER D 32 -0.64 -11.69 16.26
CA SER D 32 0.01 -12.92 16.68
C SER D 32 1.18 -13.31 15.77
N ASN D 33 1.68 -12.37 14.98
CA ASN D 33 2.82 -12.61 14.11
C ASN D 33 4.13 -12.05 14.67
N GLY D 34 4.09 -11.44 15.86
CA GLY D 34 5.28 -10.93 16.49
C GLY D 34 5.65 -9.51 16.13
N ILE D 35 4.91 -8.87 15.23
CA ILE D 35 5.18 -7.50 14.79
C ILE D 35 3.90 -6.70 14.94
N THR D 36 4.03 -5.45 15.38
CA THR D 36 2.91 -4.54 15.55
C THR D 36 2.97 -3.48 14.45
N TYR D 37 1.90 -3.37 13.67
CA TYR D 37 1.88 -2.50 12.50
C TYR D 37 1.47 -1.09 12.91
N LEU D 38 2.28 -0.11 12.52
CA LEU D 38 2.05 1.28 12.89
C LEU D 38 2.59 2.19 11.79
N TYR D 39 2.08 3.42 11.77
CA TYR D 39 2.67 4.46 10.94
C TYR D 39 2.63 5.79 11.68
N TRP D 40 3.64 6.61 11.41
CA TRP D 40 3.75 7.97 11.94
C TRP D 40 3.78 8.93 10.77
N TYR D 41 2.87 9.90 10.77
CA TYR D 41 2.84 10.91 9.73
C TYR D 41 3.18 12.27 10.30
N LEU D 42 3.76 13.12 9.45
CA LEU D 42 4.05 14.51 9.79
C LEU D 42 3.44 15.40 8.71
N GLN D 43 2.69 16.41 9.13
CA GLN D 43 2.17 17.44 8.22
C GLN D 43 2.89 18.75 8.52
N LYS D 44 3.84 19.11 7.66
CA LYS D 44 4.52 20.39 7.82
C LYS D 44 3.58 21.53 7.44
N PRO D 45 3.76 22.70 8.04
CA PRO D 45 2.85 23.83 7.77
C PRO D 45 2.83 24.20 6.30
N GLY D 46 1.62 24.37 5.76
CA GLY D 46 1.42 24.83 4.41
C GLY D 46 1.63 23.81 3.31
N GLN D 47 1.86 22.53 3.65
CA GLN D 47 2.04 21.53 2.60
C GLN D 47 1.48 20.18 3.02
N SER D 48 1.71 19.16 2.19
CA SER D 48 1.12 17.84 2.37
C SER D 48 1.79 17.09 3.51
N PRO D 49 1.07 16.16 4.14
CA PRO D 49 1.69 15.29 5.15
C PRO D 49 2.81 14.45 4.55
N GLN D 50 3.80 14.14 5.38
CA GLN D 50 4.85 13.19 5.05
C GLN D 50 5.01 12.15 6.16
N LEU D 51 5.46 10.96 5.75
CA LEU D 51 5.73 9.87 6.68
C LEU D 51 7.11 10.01 7.30
N LEU D 52 7.16 9.95 8.63
CA LEU D 52 8.40 10.00 9.39
C LEU D 52 8.85 8.62 9.86
N ILE D 53 7.95 7.81 10.41
CA ILE D 53 8.31 6.54 11.00
C ILE D 53 7.35 5.48 10.49
N TYR D 54 7.90 4.45 9.85
CA TYR D 54 7.13 3.32 9.33
C TYR D 54 7.43 2.04 10.09
N GLN D 55 6.36 1.31 10.45
CA GLN D 55 6.41 0.15 11.35
C GLN D 55 7.14 0.43 12.67
N MET D 56 7.24 1.69 13.07
CA MET D 56 7.54 2.05 14.46
C MET D 56 9.00 1.78 14.83
N SER D 57 9.75 1.09 13.96
CA SER D 57 11.12 0.73 14.28
C SER D 57 12.09 0.98 13.15
N ASN D 58 11.65 1.55 12.03
CA ASN D 58 12.52 1.78 10.88
C ASN D 58 12.30 3.19 10.35
N LEU D 59 13.37 3.76 9.79
CA LEU D 59 13.33 5.10 9.22
C LEU D 59 13.42 5.02 7.70
N VAL D 60 12.97 6.09 7.06
CA VAL D 60 12.88 6.16 5.60
C VAL D 60 14.15 6.81 5.07
N SER D 61 14.39 6.66 3.77
CA SER D 61 15.59 7.22 3.16
C SER D 61 15.48 8.74 3.09
N GLY D 62 16.53 9.43 3.55
CA GLY D 62 16.64 10.87 3.48
C GLY D 62 16.27 11.60 4.75
N VAL D 63 15.42 11.00 5.59
CA VAL D 63 15.06 11.65 6.85
C VAL D 63 16.23 11.56 7.82
N PRO D 64 16.53 12.62 8.57
CA PRO D 64 17.64 12.54 9.53
C PRO D 64 17.43 11.43 10.54
N ASP D 65 18.54 10.78 10.94
CA ASP D 65 18.49 9.62 11.81
C ASP D 65 18.04 9.95 13.23
N ARG D 66 17.91 11.23 13.58
CA ARG D 66 17.50 11.62 14.93
C ARG D 66 16.01 11.38 15.14
N PHE D 67 15.57 10.13 14.99
CA PHE D 67 14.18 9.75 15.21
C PHE D 67 14.13 8.29 15.62
N SER D 68 13.22 7.96 16.54
CA SER D 68 13.09 6.59 17.01
C SER D 68 11.70 6.38 17.59
N GLY D 69 11.33 5.12 17.73
CA GLY D 69 10.04 4.77 18.32
C GLY D 69 10.09 3.39 18.92
N SER D 70 9.30 3.19 19.98
CA SER D 70 9.27 1.91 20.67
C SER D 70 7.96 1.79 21.43
N GLY D 71 7.65 0.57 21.84
CA GLY D 71 6.48 0.31 22.65
C GLY D 71 6.40 -1.13 23.05
N SER D 72 5.33 -1.46 23.78
CA SER D 72 5.06 -2.83 24.21
C SER D 72 3.88 -3.48 23.51
N GLY D 73 2.90 -2.69 23.05
CA GLY D 73 1.75 -3.23 22.36
C GLY D 73 0.47 -2.47 22.65
N THR D 74 0.46 -1.74 23.76
CA THR D 74 -0.66 -0.88 24.15
C THR D 74 -0.22 0.54 24.45
N ASP D 75 0.95 0.72 25.06
CA ASP D 75 1.50 2.03 25.38
C ASP D 75 2.76 2.22 24.56
N PHE D 76 2.89 3.38 23.93
CA PHE D 76 3.89 3.61 22.89
C PHE D 76 4.58 4.95 23.16
N THR D 77 5.82 5.06 22.70
CA THR D 77 6.59 6.29 22.82
C THR D 77 7.33 6.58 21.53
N LEU D 78 7.21 7.80 21.04
CA LEU D 78 8.05 8.31 19.96
C LEU D 78 9.15 9.18 20.56
N LYS D 79 10.40 8.86 20.23
CA LYS D 79 11.57 9.55 20.77
C LYS D 79 12.33 10.22 19.64
N ILE D 80 12.70 11.49 19.84
CA ILE D 80 13.62 12.21 18.97
C ILE D 80 14.94 12.35 19.72
N SER D 81 16.01 11.83 19.13
CA SER D 81 17.31 11.83 19.81
C SER D 81 17.79 13.25 20.07
N ARG D 82 17.51 14.18 19.14
CA ARG D 82 17.93 15.57 19.29
C ARG D 82 16.91 16.43 18.55
N VAL D 83 16.03 17.07 19.32
CA VAL D 83 14.97 17.88 18.71
C VAL D 83 15.56 19.15 18.13
N GLU D 84 15.12 19.52 16.93
CA GLU D 84 15.59 20.70 16.24
C GLU D 84 14.43 21.69 16.07
N ALA D 85 14.73 22.80 15.39
CA ALA D 85 13.74 23.84 15.13
C ALA D 85 13.13 23.74 13.74
N GLU D 86 13.16 22.57 13.12
CA GLU D 86 12.62 22.37 11.79
C GLU D 86 11.57 21.27 11.70
N ASP D 87 11.44 20.42 12.70
CA ASP D 87 10.47 19.33 12.66
C ASP D 87 9.13 19.75 13.26
N VAL D 88 8.62 20.90 12.83
CA VAL D 88 7.33 21.40 13.30
C VAL D 88 6.21 20.74 12.50
N GLY D 89 5.03 20.67 13.10
CA GLY D 89 3.87 20.14 12.44
C GLY D 89 3.01 19.33 13.39
N VAL D 90 2.05 18.61 12.82
CA VAL D 90 1.15 17.74 13.55
C VAL D 90 1.56 16.29 13.31
N TYR D 91 1.83 15.56 14.38
CA TYR D 91 2.20 14.15 14.30
C TYR D 91 0.95 13.30 14.51
N TYR D 92 0.75 12.31 13.63
CA TYR D 92 -0.38 11.40 13.73
C TYR D 92 0.13 9.97 13.84
N CYS D 93 -0.41 9.23 14.80
CA CYS D 93 -0.29 7.78 14.85
C CYS D 93 -1.47 7.14 14.13
N ALA D 94 -1.29 5.87 13.76
CA ALA D 94 -2.35 5.18 13.03
C ALA D 94 -2.17 3.67 13.16
N GLN D 95 -3.28 2.96 13.03
CA GLN D 95 -3.31 1.50 13.03
C GLN D 95 -3.88 0.99 11.72
N ASN D 96 -3.30 -0.09 11.20
CA ASN D 96 -3.81 -0.71 9.98
C ASN D 96 -4.05 -2.21 10.15
N LEU D 97 -4.22 -2.69 11.37
CA LEU D 97 -4.46 -4.11 11.57
C LEU D 97 -5.78 -4.54 10.95
N GLU D 98 -6.83 -3.74 11.12
CA GLU D 98 -8.15 -4.10 10.63
C GLU D 98 -8.86 -2.88 10.07
N LEU D 99 -9.76 -3.15 9.13
CA LEU D 99 -10.70 -2.16 8.59
C LEU D 99 -11.83 -1.93 9.58
N PRO D 100 -12.30 -0.68 9.75
CA PRO D 100 -11.80 0.54 9.10
C PRO D 100 -10.53 1.12 9.73
N TYR D 101 -9.67 1.70 8.89
CA TYR D 101 -8.50 2.40 9.38
C TYR D 101 -8.92 3.62 10.22
N THR D 102 -8.12 3.91 11.24
CA THR D 102 -8.40 5.02 12.14
C THR D 102 -7.13 5.86 12.34
N PHE D 103 -7.34 7.14 12.59
CA PHE D 103 -6.26 8.11 12.72
C PHE D 103 -6.38 8.84 14.05
N GLY D 104 -5.24 9.26 14.59
CA GLY D 104 -5.23 10.02 15.83
C GLY D 104 -5.72 11.44 15.63
N GLY D 105 -5.94 12.12 16.77
CA GLY D 105 -6.43 13.48 16.76
C GLY D 105 -5.39 14.55 16.49
N GLY D 106 -4.12 14.20 16.56
CA GLY D 106 -3.05 15.13 16.25
C GLY D 106 -2.41 15.78 17.46
N THR D 107 -1.10 15.99 17.38
CA THR D 107 -0.34 16.72 18.40
C THR D 107 0.48 17.81 17.72
N LYS D 108 0.25 19.06 18.12
CA LYS D 108 0.96 20.19 17.52
C LYS D 108 2.22 20.46 18.32
N VAL D 109 3.38 20.23 17.70
CA VAL D 109 4.68 20.43 18.33
C VAL D 109 5.20 21.81 17.94
N GLU D 110 5.57 22.61 18.95
CA GLU D 110 6.09 23.94 18.71
C GLU D 110 7.35 24.16 19.54
N ILE D 111 8.01 25.28 19.28
CA ILE D 111 9.27 25.62 19.93
C ILE D 111 8.99 26.36 21.23
N LYS D 112 9.70 25.96 22.29
CA LYS D 112 9.65 26.68 23.56
C LYS D 112 10.71 27.77 23.57
N ARG D 113 10.31 28.97 24.01
CA ARG D 113 11.22 30.10 24.09
C ARG D 113 10.95 30.84 25.39
N THR D 114 11.73 31.91 25.62
CA THR D 114 11.59 32.69 26.83
C THR D 114 10.26 33.43 26.88
N VAL D 115 9.77 33.66 28.10
CA VAL D 115 8.53 34.40 28.29
C VAL D 115 8.70 35.84 27.82
N ALA D 116 7.69 36.35 27.12
CA ALA D 116 7.68 37.72 26.62
C ALA D 116 6.36 38.37 26.99
N ALA D 117 6.44 39.52 27.65
CA ALA D 117 5.22 40.18 28.10
C ALA D 117 4.40 40.69 26.92
N PRO D 118 3.08 40.55 26.98
CA PRO D 118 2.24 41.03 25.88
C PRO D 118 2.19 42.55 25.82
N SER D 119 2.04 43.06 24.59
CA SER D 119 1.71 44.46 24.37
C SER D 119 0.28 44.57 23.85
N VAL D 120 -0.52 45.42 24.49
CA VAL D 120 -1.95 45.53 24.22
C VAL D 120 -2.22 46.86 23.52
N PHE D 121 -3.03 46.82 22.47
CA PHE D 121 -3.41 48.02 21.72
C PHE D 121 -4.90 47.99 21.44
N ILE D 122 -5.50 49.19 21.38
CA ILE D 122 -6.90 49.35 21.06
C ILE D 122 -7.05 50.33 19.89
N PHE D 123 -8.06 50.08 19.06
CA PHE D 123 -8.32 50.90 17.88
C PHE D 123 -9.81 51.26 17.87
N PRO D 124 -10.15 52.55 17.95
CA PRO D 124 -11.57 52.94 17.92
C PRO D 124 -12.18 52.66 16.56
N PRO D 125 -13.51 52.55 16.50
CA PRO D 125 -14.18 52.35 15.21
C PRO D 125 -14.04 53.56 14.29
N SER D 126 -13.98 53.27 12.99
CA SER D 126 -13.91 54.31 11.97
C SER D 126 -15.27 54.97 11.75
N ASP D 127 -15.23 56.23 11.33
CA ASP D 127 -16.46 56.99 11.11
C ASP D 127 -17.24 56.47 9.91
N GLU D 128 -16.55 56.04 8.85
CA GLU D 128 -17.21 55.53 7.66
C GLU D 128 -18.12 54.34 7.98
N GLN D 129 -17.60 53.38 8.77
CA GLN D 129 -18.44 52.24 9.12
C GLN D 129 -19.64 52.67 9.94
N LEU D 130 -19.44 53.55 10.93
CA LEU D 130 -20.59 54.01 11.71
C LEU D 130 -21.64 54.61 10.77
N LYS D 131 -21.19 55.43 9.82
CA LYS D 131 -22.09 56.01 8.83
C LYS D 131 -22.78 54.94 8.00
N SER D 132 -22.14 53.78 7.84
CA SER D 132 -22.72 52.69 7.08
C SER D 132 -23.69 51.84 7.89
N GLY D 133 -23.81 52.05 9.20
CA GLY D 133 -24.77 51.35 10.01
C GLY D 133 -24.21 50.17 10.79
N THR D 134 -22.92 49.90 10.69
CA THR D 134 -22.28 48.81 11.40
C THR D 134 -21.10 49.35 12.19
N ALA D 135 -20.47 48.48 12.98
CA ALA D 135 -19.34 48.88 13.81
C ALA D 135 -18.53 47.64 14.16
N SER D 136 -17.27 47.61 13.73
CA SER D 136 -16.34 46.56 14.11
C SER D 136 -15.28 47.17 15.02
N VAL D 137 -15.16 46.62 16.23
CA VAL D 137 -14.13 47.03 17.18
C VAL D 137 -13.09 45.93 17.31
N VAL D 138 -11.83 46.31 17.23
CA VAL D 138 -10.72 45.35 17.19
C VAL D 138 -9.87 45.62 18.43
N CYS D 139 -9.56 44.55 19.16
CA CYS D 139 -8.66 44.62 20.31
C CYS D 139 -7.40 43.84 19.96
N LEU D 140 -6.25 44.52 19.98
CA LEU D 140 -5.02 43.97 19.43
C LEU D 140 -4.13 43.39 20.52
N LEU D 141 -3.38 42.35 20.14
CA LEU D 141 -2.41 41.71 21.02
C LEU D 141 -1.23 41.30 20.14
N ASN D 142 -0.21 42.16 20.10
CA ASN D 142 0.89 42.02 19.16
C ASN D 142 1.70 40.75 19.35
N ASN D 143 2.40 40.64 20.49
CA ASN D 143 3.37 39.56 20.67
C ASN D 143 3.32 39.07 22.10
N PHE D 144 3.43 37.75 22.28
CA PHE D 144 3.32 37.14 23.60
C PHE D 144 3.77 35.69 23.51
N TYR D 145 4.04 35.11 24.68
CA TYR D 145 4.34 33.69 24.83
C TYR D 145 4.08 33.30 26.26
N PRO D 146 3.45 32.15 26.55
CA PRO D 146 2.99 31.11 25.60
C PRO D 146 1.68 31.47 24.90
N ARG D 147 1.19 30.54 24.08
CA ARG D 147 -0.01 30.80 23.28
C ARG D 147 -1.24 30.98 24.17
N GLU D 148 -1.30 30.29 25.29
CA GLU D 148 -2.48 30.37 26.15
C GLU D 148 -2.67 31.80 26.68
N ALA D 149 -3.86 32.34 26.47
CA ALA D 149 -4.19 33.68 26.93
C ALA D 149 -5.70 33.79 27.04
N LYS D 150 -6.16 34.63 27.96
CA LYS D 150 -7.59 34.83 28.19
C LYS D 150 -7.90 36.31 28.02
N VAL D 151 -8.83 36.62 27.13
CA VAL D 151 -9.28 37.98 26.86
C VAL D 151 -10.76 38.06 27.19
N GLN D 152 -11.12 39.01 28.07
CA GLN D 152 -12.51 39.22 28.45
C GLN D 152 -12.89 40.67 28.16
N TRP D 153 -14.03 40.84 27.48
CA TRP D 153 -14.55 42.14 27.13
C TRP D 153 -15.51 42.66 28.20
N LYS D 154 -15.35 43.92 28.59
CA LYS D 154 -16.26 44.59 29.50
C LYS D 154 -16.78 45.83 28.82
N VAL D 155 -18.10 46.03 28.90
CA VAL D 155 -18.77 47.21 28.35
C VAL D 155 -19.65 47.75 29.46
N ASP D 156 -19.31 48.94 29.97
CA ASP D 156 -19.90 49.45 31.21
C ASP D 156 -19.71 48.44 32.35
N ASN D 157 -18.57 47.74 32.32
CA ASN D 157 -18.15 46.75 33.29
C ASN D 157 -18.99 45.48 33.25
N ALA D 158 -19.77 45.27 32.19
CA ALA D 158 -20.55 44.06 32.02
C ALA D 158 -19.91 43.20 30.93
N LEU D 159 -19.57 41.96 31.28
CA LEU D 159 -18.99 41.04 30.31
C LEU D 159 -20.01 40.62 29.27
N GLN D 160 -19.64 40.75 28.00
CA GLN D 160 -20.51 40.37 26.88
C GLN D 160 -19.93 39.13 26.22
N SER D 161 -20.71 38.05 26.19
CA SER D 161 -20.30 36.77 25.64
C SER D 161 -21.13 36.41 24.42
N GLY D 162 -20.49 35.77 23.44
CA GLY D 162 -21.17 35.22 22.29
C GLY D 162 -21.07 36.05 21.02
N ASN D 163 -20.78 37.34 21.14
CA ASN D 163 -20.70 38.23 19.98
C ASN D 163 -19.28 38.50 19.54
N SER D 164 -18.33 37.63 19.89
CA SER D 164 -16.93 37.81 19.54
C SER D 164 -16.39 36.56 18.87
N GLN D 165 -15.32 36.75 18.09
CA GLN D 165 -14.59 35.66 17.46
C GLN D 165 -13.10 35.87 17.61
N GLU D 166 -12.37 34.79 17.85
CA GLU D 166 -10.92 34.84 17.99
C GLU D 166 -10.23 34.27 16.76
N SER D 167 -9.02 34.76 16.50
CA SER D 167 -8.13 34.22 15.49
C SER D 167 -6.72 34.14 16.04
N VAL D 168 -5.96 33.14 15.57
CA VAL D 168 -4.57 32.95 15.98
C VAL D 168 -3.74 32.69 14.73
N THR D 169 -2.52 33.22 14.72
CA THR D 169 -1.62 33.05 13.59
C THR D 169 -0.52 32.04 13.90
N GLU D 170 0.08 31.50 12.85
CA GLU D 170 1.19 30.57 12.98
C GLU D 170 2.49 31.30 13.31
N GLN D 171 3.48 30.53 13.72
CA GLN D 171 4.78 31.06 14.12
C GLN D 171 5.48 31.77 12.97
N ASP D 172 6.15 32.87 13.31
CA ASP D 172 6.97 33.58 12.33
C ASP D 172 8.15 32.72 11.89
N SER D 173 8.84 33.19 10.86
CA SER D 173 9.96 32.43 10.31
C SER D 173 11.08 32.26 11.33
N LYS D 174 11.68 33.37 11.77
CA LYS D 174 12.79 33.33 12.71
C LYS D 174 12.44 33.85 14.09
N ASP D 175 11.41 34.70 14.20
CA ASP D 175 11.06 35.28 15.50
C ASP D 175 10.50 34.23 16.46
N SER D 176 9.71 33.29 15.95
CA SER D 176 9.13 32.21 16.77
C SER D 176 8.25 32.76 17.87
N THR D 177 7.68 33.94 17.67
CA THR D 177 6.79 34.59 18.62
C THR D 177 5.34 34.31 18.21
N TYR D 178 4.41 34.62 19.10
CA TYR D 178 2.99 34.39 18.87
C TYR D 178 2.24 35.71 18.74
N SER D 179 1.13 35.65 18.02
CA SER D 179 0.22 36.79 17.90
C SER D 179 -1.21 36.30 18.04
N LEU D 180 -2.10 37.23 18.39
CA LEU D 180 -3.50 36.92 18.63
C LEU D 180 -4.37 38.02 18.07
N SER D 181 -5.51 37.64 17.49
CA SER D 181 -6.51 38.59 17.02
C SER D 181 -7.83 38.34 17.74
N SER D 182 -8.49 39.43 18.12
CA SER D 182 -9.84 39.38 18.67
C SER D 182 -10.75 40.25 17.82
N THR D 183 -11.84 39.67 17.32
CA THR D 183 -12.75 40.35 16.42
C THR D 183 -14.13 40.44 17.04
N LEU D 184 -14.82 41.55 16.75
CA LEU D 184 -16.17 41.77 17.28
C LEU D 184 -16.85 42.81 16.40
N THR D 185 -18.04 42.48 15.91
CA THR D 185 -18.82 43.37 15.06
C THR D 185 -20.19 43.60 15.71
N LEU D 186 -20.58 44.86 15.84
CA LEU D 186 -21.86 45.21 16.41
C LEU D 186 -22.51 46.31 15.56
N SER D 187 -23.84 46.40 15.67
CA SER D 187 -24.57 47.50 15.05
C SER D 187 -24.25 48.85 15.68
N LYS D 188 -24.43 49.91 14.88
CA LYS D 188 -24.20 51.28 15.34
C LYS D 188 -25.04 51.60 16.59
N ALA D 189 -26.27 51.06 16.64
CA ALA D 189 -27.13 51.33 17.78
C ALA D 189 -26.57 50.71 19.05
N ASP D 190 -26.31 49.41 19.02
CA ASP D 190 -25.71 48.75 20.17
C ASP D 190 -24.40 49.44 20.54
N TYR D 191 -23.63 49.87 19.55
CA TYR D 191 -22.39 50.56 19.85
C TYR D 191 -22.67 51.82 20.67
N GLU D 192 -23.56 52.67 20.17
CA GLU D 192 -23.89 53.92 20.86
C GLU D 192 -24.62 53.74 22.18
N LYS D 193 -25.13 52.54 22.49
CA LYS D 193 -25.87 52.41 23.76
C LYS D 193 -24.96 52.43 24.97
N HIS D 194 -23.65 52.21 24.81
CA HIS D 194 -22.70 52.30 25.91
C HIS D 194 -21.53 53.18 25.49
N LYS D 195 -20.64 53.46 26.46
CA LYS D 195 -19.54 54.40 26.23
C LYS D 195 -18.17 53.76 26.41
N VAL D 196 -17.90 53.12 27.54
CA VAL D 196 -16.55 52.63 27.86
C VAL D 196 -16.34 51.24 27.29
N TYR D 197 -15.30 51.10 26.47
CA TYR D 197 -14.87 49.82 25.89
C TYR D 197 -13.45 49.52 26.37
N ALA D 198 -13.29 48.40 27.06
CA ALA D 198 -12.06 48.08 27.78
C ALA D 198 -11.64 46.64 27.52
N CYS D 199 -10.33 46.42 27.41
CA CYS D 199 -9.75 45.10 27.23
C CYS D 199 -8.88 44.76 28.43
N GLU D 200 -9.27 43.72 29.16
CA GLU D 200 -8.53 43.26 30.34
C GLU D 200 -7.74 42.03 29.95
N VAL D 201 -6.42 42.13 29.99
CA VAL D 201 -5.51 41.07 29.55
C VAL D 201 -4.87 40.41 30.77
N THR D 202 -5.03 39.09 30.86
CA THR D 202 -4.38 38.29 31.89
C THR D 202 -3.35 37.37 31.23
N HIS D 203 -2.14 37.36 31.76
CA HIS D 203 -1.08 36.57 31.16
C HIS D 203 -0.02 36.27 32.21
N GLN D 204 0.72 35.18 31.98
CA GLN D 204 1.77 34.77 32.91
C GLN D 204 2.84 35.85 33.02
N GLY D 205 3.16 36.52 31.92
CA GLY D 205 4.20 37.54 31.92
C GLY D 205 3.77 38.89 32.45
N LEU D 206 2.49 39.08 32.74
CA LEU D 206 1.97 40.36 33.22
C LEU D 206 1.69 40.24 34.71
N SER D 207 2.28 41.14 35.50
CA SER D 207 2.08 41.11 36.94
C SER D 207 0.64 41.40 37.34
N SER D 208 -0.04 42.27 36.60
CA SER D 208 -1.44 42.59 36.89
C SER D 208 -2.15 42.90 35.58
N PRO D 209 -3.46 42.64 35.49
CA PRO D 209 -4.20 42.94 34.26
C PRO D 209 -4.11 44.42 33.90
N VAL D 210 -3.92 44.68 32.61
CA VAL D 210 -3.86 46.02 32.05
C VAL D 210 -5.16 46.29 31.31
N THR D 211 -5.67 47.51 31.44
CA THR D 211 -6.91 47.92 30.77
C THR D 211 -6.61 49.12 29.87
N LYS D 212 -6.95 48.99 28.60
CA LYS D 212 -6.93 50.09 27.63
C LYS D 212 -8.36 50.46 27.24
N SER D 213 -8.68 51.75 27.35
CA SER D 213 -10.03 52.22 27.08
C SER D 213 -9.94 53.54 26.31
N PHE D 214 -11.06 53.93 25.72
CA PHE D 214 -11.14 55.23 25.06
C PHE D 214 -12.55 55.77 25.17
N ASN D 215 -12.68 57.09 25.12
CA ASN D 215 -13.98 57.77 25.13
C ASN D 215 -14.44 58.15 23.72
N ARG D 216 -15.65 57.73 23.37
CA ARG D 216 -16.21 58.03 22.06
C ARG D 216 -16.25 59.54 21.81
N GLY D 217 -15.80 59.95 20.64
CA GLY D 217 -15.95 61.33 20.19
C GLY D 217 -14.81 62.29 20.47
N GLU D 218 -14.25 62.23 21.68
CA GLU D 218 -13.20 63.16 22.07
C GLU D 218 -11.83 62.52 21.93
N CYS D 219 -10.93 63.23 21.24
CA CYS D 219 -9.58 62.73 21.01
C CYS D 219 -8.54 63.73 21.50
#